data_6OFI
#
_entry.id   6OFI
#
_cell.length_a   90.644
_cell.length_b   90.644
_cell.length_c   408.994
_cell.angle_alpha   90.00
_cell.angle_beta   90.00
_cell.angle_gamma   120.00
#
_symmetry.space_group_name_H-M   'P 61 2 2'
#
loop_
_entity.id
_entity.type
_entity.pdbx_description
1 polymer 'clade A/E 93TH057 HIV-1 gp120 core'
2 polymer 'CH55 Fab heavy chain'
3 polymer 'CH55 Fab light chain'
4 non-polymer 2-acetamido-2-deoxy-beta-D-glucopyranose
#
loop_
_entity_poly.entity_id
_entity_poly.type
_entity_poly.pdbx_seq_one_letter_code
_entity_poly.pdbx_strand_id
1 'polypeptide(L)'
;VPVWKDADTTLFCASDAKAHETEVHNVWATHACVPTDPNPQEIHLENVTENFNMWKNNMVEQMQEDVISLWDQSLQPCVK
LTGGSVIKQACPKISFDPIPIHYCTPAGYVILKCNDKNFNGTGPCKNVSSVQCTHGIKPVVSTQLLLNGSLAEEEIIIRS
ENLTNNAKTIIVHLNKSVEINCTRPSNGGSGSGGDIRKAYCEINGTKWNKVLKQVTEKLKEHFNNKTIIFQPPSGGDLEI
TMHSFNCRGEFFYCNTTQLFNNTCIGNETMKGCNGTITLPCKIKQIINMWQGTGQAMYAPPIDGKINCVSNITGILLTRD
GGANNTSNETFRPGGGNIKDNWRSELYKYKVVQIE
;
G
2 'polypeptide(L)'
;QVQLVQSGAEVKKPGASVKVSCKASGYIFISYFMHWVRQAPGQGLEWMGIINPSSGDTRYAQKFQGRVTMTRDTSTNTVY
MELSSLRSDDTAVYYCARRPGGLERHNWLDPWGQGTLVTVSSASTKGPSVFPLAPSSKSTSGGTAALGCLVKDYFPEPVT
VSWNSGALTSGVHTFPAVLQSSGLYSLSSVVTVPSSSLGTQTYICNVNHKPSNTKVDKRVEPK
;
H
3 'polypeptide(L)'
;EIVMTQSPATLSVSPGERATLSCRASQSISSNLAWYQQKPGQAPRLLIYGASTRATGTPARFSGSGSGTEFTLTISSLQS
EDFASYYCQQYNNWPAITFGQGTRLEIKRTVAAPSVFIFPPSDEQLKSGTASVVCLLNNFYPREAKVQWKVDNALQSGNS
QESVTEQDSKDSTYSLSSTLTLSKADYEKHKVYACEVTHQGLSSPVTKSFNRGEC
;
L
#
# COMPACT_ATOMS: atom_id res chain seq x y z
N VAL A 3 -21.22 -8.39 12.67
CA VAL A 3 -19.88 -7.98 12.31
C VAL A 3 -19.47 -6.79 13.17
N TRP A 4 -18.22 -6.86 13.66
CA TRP A 4 -17.49 -5.83 14.39
C TRP A 4 -17.94 -5.60 15.84
N LYS A 5 -16.98 -5.28 16.71
CA LYS A 5 -17.18 -5.12 18.15
C LYS A 5 -16.09 -4.20 18.70
N ASP A 6 -16.41 -3.52 19.81
CA ASP A 6 -15.48 -2.57 20.42
C ASP A 6 -14.28 -3.29 21.02
N ALA A 7 -13.16 -2.58 21.10
CA ALA A 7 -11.91 -3.23 21.51
C ALA A 7 -10.90 -2.19 21.99
N ASP A 8 -9.67 -2.65 22.22
CA ASP A 8 -8.52 -1.86 22.65
C ASP A 8 -7.33 -2.22 21.78
N THR A 9 -6.51 -1.23 21.44
CA THR A 9 -5.35 -1.48 20.59
C THR A 9 -4.36 -0.33 20.72
N THR A 10 -3.07 -0.66 20.89
CA THR A 10 -2.04 0.36 20.94
C THR A 10 -2.01 1.13 19.62
N LEU A 11 -2.83 2.18 19.53
CA LEU A 11 -3.04 2.91 18.30
C LEU A 11 -1.73 3.52 17.81
N PHE A 12 -1.43 3.35 16.52
CA PHE A 12 -0.21 3.93 16.00
C PHE A 12 -0.50 5.33 15.48
N CYS A 13 0.52 6.01 14.96
CA CYS A 13 0.39 7.41 14.60
C CYS A 13 1.01 7.68 13.24
N ALA A 14 0.37 8.58 12.50
CA ALA A 14 0.86 9.09 11.22
C ALA A 14 1.00 10.60 11.34
N SER A 15 2.22 11.09 11.30
CA SER A 15 2.49 12.51 11.17
C SER A 15 2.75 12.82 9.70
N ASP A 16 2.86 14.11 9.36
CA ASP A 16 3.28 14.50 8.02
C ASP A 16 4.72 15.01 7.99
N ALA A 17 5.52 14.62 8.98
CA ALA A 17 6.81 15.19 9.34
C ALA A 17 7.75 15.53 8.19
N LYS A 18 8.74 16.38 8.45
CA LYS A 18 9.63 16.87 7.42
C LYS A 18 11.04 16.29 7.60
N TRP A 28 9.04 12.84 18.95
CA TRP A 28 8.10 11.76 19.15
C TRP A 28 7.44 11.33 17.86
N ALA A 29 7.30 12.26 16.92
CA ALA A 29 6.89 11.94 15.57
C ALA A 29 8.08 11.68 14.64
N THR A 30 9.29 11.61 15.21
CA THR A 30 10.51 11.39 14.45
C THR A 30 10.44 10.05 13.71
N HIS A 31 10.79 8.96 14.39
CA HIS A 31 10.64 7.62 13.84
C HIS A 31 9.35 6.95 14.30
N ALA A 32 8.76 7.39 15.41
CA ALA A 32 7.65 6.68 16.02
C ALA A 32 6.32 6.93 15.34
N CYS A 33 6.25 7.80 14.33
CA CYS A 33 5.02 8.04 13.61
C CYS A 33 5.29 8.04 12.10
N VAL A 34 4.48 7.29 11.38
CA VAL A 34 4.59 7.00 9.95
C VAL A 34 4.19 8.28 9.19
N PRO A 35 4.60 8.48 7.94
CA PRO A 35 4.17 9.70 7.24
C PRO A 35 2.67 9.77 7.01
N THR A 36 2.18 11.00 6.91
CA THR A 36 0.76 11.25 6.71
C THR A 36 0.26 10.45 5.53
N ASP A 37 -0.87 9.81 5.72
CA ASP A 37 -1.63 9.23 4.63
C ASP A 37 -2.12 10.33 3.70
N PRO A 38 -1.55 10.45 2.49
CA PRO A 38 -2.03 11.47 1.56
C PRO A 38 -3.13 10.96 0.66
N ASN A 39 -3.98 10.07 1.20
CA ASN A 39 -5.18 9.58 0.53
C ASN A 39 -6.01 8.78 1.52
N PRO A 40 -6.81 9.41 2.37
CA PRO A 40 -7.67 8.67 3.29
C PRO A 40 -8.86 8.07 2.55
N GLN A 41 -9.73 7.40 3.30
CA GLN A 41 -10.96 6.89 2.71
C GLN A 41 -12.03 6.65 3.77
N GLU A 42 -12.70 7.71 4.21
CA GLU A 42 -13.88 7.56 5.04
C GLU A 42 -14.95 6.84 4.23
N ILE A 43 -15.07 5.53 4.43
CA ILE A 43 -16.07 4.75 3.71
C ILE A 43 -17.38 4.82 4.50
N HIS A 44 -18.46 5.20 3.82
CA HIS A 44 -19.71 5.46 4.52
C HIS A 44 -20.32 4.16 5.05
N LEU A 45 -21.00 4.27 6.17
CA LEU A 45 -21.80 3.19 6.75
C LEU A 45 -23.26 3.61 6.79
N GLU A 46 -24.15 2.63 6.81
CA GLU A 46 -25.55 2.89 6.56
C GLU A 46 -26.37 2.08 7.57
N ASN A 47 -27.67 2.36 7.64
CA ASN A 47 -28.66 1.70 8.51
C ASN A 47 -28.18 1.33 9.91
N VAL A 48 -27.14 1.97 10.42
CA VAL A 48 -26.60 1.60 11.71
C VAL A 48 -26.51 2.83 12.60
N THR A 49 -26.89 2.67 13.86
CA THR A 49 -27.01 3.76 14.81
C THR A 49 -26.15 3.39 16.02
N GLU A 50 -24.85 3.65 15.94
CA GLU A 50 -23.93 3.19 16.98
C GLU A 50 -23.91 4.15 18.16
N ASN A 51 -23.62 3.63 19.35
CA ASN A 51 -23.61 4.44 20.55
C ASN A 51 -22.17 4.76 20.97
N PHE A 52 -21.92 6.03 21.26
CA PHE A 52 -20.62 6.55 21.64
C PHE A 52 -20.64 7.04 23.08
N ASN A 53 -19.44 7.02 23.69
CA ASN A 53 -19.21 7.55 25.03
C ASN A 53 -17.83 8.23 25.02
N MET A 54 -17.80 9.50 24.59
CA MET A 54 -16.55 10.26 24.62
C MET A 54 -15.89 10.18 25.99
N TRP A 55 -16.71 10.05 27.05
CA TRP A 55 -16.20 10.09 28.41
C TRP A 55 -15.55 8.79 28.86
N LYS A 56 -15.73 7.69 28.11
CA LYS A 56 -15.13 6.39 28.46
C LYS A 56 -14.70 5.67 27.18
N ASN A 57 -13.52 6.04 26.69
CA ASN A 57 -12.80 5.29 25.67
C ASN A 57 -11.32 5.29 26.06
N ASN A 58 -10.55 4.37 25.50
CA ASN A 58 -9.14 4.31 25.83
C ASN A 58 -8.27 5.06 24.83
N MET A 59 -8.85 5.58 23.75
CA MET A 59 -8.13 6.51 22.89
C MET A 59 -7.53 7.64 23.71
N VAL A 60 -8.24 8.07 24.76
CA VAL A 60 -7.67 9.07 25.66
C VAL A 60 -6.62 8.46 26.56
N GLU A 61 -6.74 7.18 26.91
CA GLU A 61 -5.69 6.50 27.68
C GLU A 61 -4.39 6.43 26.89
N GLN A 62 -4.46 5.86 25.68
CA GLN A 62 -3.35 5.87 24.75
C GLN A 62 -2.77 7.27 24.62
N MET A 63 -3.65 8.24 24.38
CA MET A 63 -3.22 9.61 24.12
C MET A 63 -2.48 10.21 25.32
N GLN A 64 -3.03 10.03 26.52
CA GLN A 64 -2.40 10.57 27.73
C GLN A 64 -1.02 9.96 27.93
N GLU A 65 -0.91 8.63 27.80
CA GLU A 65 0.40 8.02 28.08
C GLU A 65 1.43 8.44 27.03
N ASP A 66 1.03 8.49 25.75
CA ASP A 66 1.95 8.89 24.70
C ASP A 66 2.39 10.35 24.86
N VAL A 67 1.45 11.23 25.24
CA VAL A 67 1.82 12.63 25.35
C VAL A 67 2.63 12.89 26.61
N ILE A 68 2.44 12.10 27.66
CA ILE A 68 3.35 12.18 28.80
C ILE A 68 4.76 11.85 28.36
N SER A 69 4.90 10.74 27.61
CA SER A 69 6.20 10.38 27.05
C SER A 69 6.84 11.57 26.33
N LEU A 70 6.15 12.08 25.30
CA LEU A 70 6.74 13.16 24.50
C LEU A 70 6.98 14.41 25.34
N TRP A 71 6.05 14.72 26.24
CA TRP A 71 6.10 15.93 27.05
C TRP A 71 7.36 15.97 27.89
N ASP A 72 7.58 14.93 28.71
CA ASP A 72 8.76 14.96 29.54
C ASP A 72 10.02 14.75 28.70
N GLN A 73 9.89 14.14 27.52
CA GLN A 73 11.09 13.88 26.72
C GLN A 73 11.62 15.15 26.08
N SER A 74 10.75 16.04 25.60
CA SER A 74 11.19 17.16 24.77
C SER A 74 11.46 18.45 25.55
N LEU A 75 10.82 18.66 26.70
CA LEU A 75 11.11 19.82 27.57
C LEU A 75 11.28 19.30 29.00
N GLN A 76 12.43 18.70 29.26
CA GLN A 76 12.70 18.07 30.55
C GLN A 76 12.92 19.11 31.63
N PRO A 77 12.45 18.87 32.84
CA PRO A 77 12.73 19.78 33.96
C PRO A 77 14.13 19.56 34.51
N CYS A 78 14.63 20.57 35.20
CA CYS A 78 15.94 20.50 35.83
C CYS A 78 15.90 19.55 37.02
N CYS A 91 19.18 20.78 31.59
CA CYS A 91 17.93 21.34 31.09
C CYS A 91 18.14 22.46 30.06
N PRO A 92 18.47 22.07 28.83
CA PRO A 92 18.79 23.04 27.77
C PRO A 92 17.55 23.64 27.13
N LYS A 93 17.79 24.43 26.07
CA LYS A 93 16.79 25.28 25.43
C LYS A 93 16.80 25.06 23.93
N ILE A 94 15.74 24.42 23.40
CA ILE A 94 15.42 24.34 21.97
C ILE A 94 13.90 24.34 21.82
N SER A 95 13.44 24.72 20.63
CA SER A 95 12.05 24.85 20.20
C SER A 95 11.08 23.81 20.72
N PHE A 96 9.79 24.19 20.76
CA PHE A 96 8.69 23.26 21.00
C PHE A 96 7.39 23.90 20.51
N ASP A 97 6.87 23.40 19.40
CA ASP A 97 5.50 23.68 19.01
C ASP A 97 4.91 22.39 18.43
N PRO A 98 3.66 22.06 18.76
CA PRO A 98 3.11 20.79 18.28
C PRO A 98 2.85 20.82 16.79
N ILE A 99 2.70 19.63 16.21
CA ILE A 99 2.34 19.47 14.81
C ILE A 99 1.23 18.44 14.73
N PRO A 100 0.35 18.51 13.75
CA PRO A 100 -0.79 17.57 13.70
C PRO A 100 -0.31 16.13 13.56
N ILE A 101 -0.90 15.25 14.37
CA ILE A 101 -0.53 13.84 14.42
C ILE A 101 -1.80 13.01 14.35
N HIS A 102 -2.07 12.44 13.18
CA HIS A 102 -3.17 11.49 13.05
C HIS A 102 -2.85 10.24 13.85
N TYR A 103 -3.86 9.63 14.44
CA TYR A 103 -3.73 8.30 15.02
C TYR A 103 -4.47 7.30 14.14
N CYS A 104 -4.17 6.02 14.31
CA CYS A 104 -4.72 5.00 13.41
C CYS A 104 -4.74 3.65 14.12
N THR A 105 -5.59 2.75 13.61
CA THR A 105 -5.76 1.34 13.92
C THR A 105 -5.02 0.46 12.92
N PRO A 106 -4.39 -0.63 13.40
CA PRO A 106 -3.75 -1.57 12.47
C PRO A 106 -4.79 -2.40 11.73
N ALA A 107 -4.32 -3.26 10.83
CA ALA A 107 -5.22 -4.18 10.15
C ALA A 107 -5.96 -5.02 11.17
N GLY A 108 -7.28 -5.12 11.00
CA GLY A 108 -8.11 -5.86 11.93
C GLY A 108 -9.08 -4.97 12.67
N TYR A 109 -8.62 -3.78 13.04
CA TYR A 109 -9.38 -2.86 13.86
C TYR A 109 -9.72 -1.62 13.03
N VAL A 110 -10.84 -0.98 13.36
CA VAL A 110 -11.47 0.08 12.59
C VAL A 110 -11.78 1.26 13.48
N ILE A 111 -11.30 2.46 13.11
CA ILE A 111 -11.87 3.64 13.74
C ILE A 111 -13.15 3.97 13.00
N LEU A 112 -14.21 4.28 13.73
CA LEU A 112 -15.38 4.78 13.04
C LEU A 112 -15.79 6.10 13.64
N LYS A 113 -16.53 6.86 12.85
CA LYS A 113 -16.55 8.31 12.94
C LYS A 113 -17.99 8.78 12.88
N CYS A 114 -18.40 9.50 13.91
CA CYS A 114 -19.70 10.16 13.93
C CYS A 114 -19.63 11.44 13.12
N ASN A 115 -20.48 11.54 12.10
CA ASN A 115 -20.52 12.72 11.24
C ASN A 115 -21.74 13.59 11.49
N ASP A 116 -22.54 13.28 12.52
CA ASP A 116 -23.63 14.17 12.90
C ASP A 116 -23.07 15.50 13.38
N LYS A 117 -23.47 16.57 12.70
CA LYS A 117 -22.90 17.89 12.96
C LYS A 117 -23.20 18.35 14.39
N ASN A 118 -24.30 17.88 14.97
CA ASN A 118 -24.75 18.28 16.30
C ASN A 118 -24.73 17.12 17.29
N PHE A 119 -23.73 16.25 17.19
CA PHE A 119 -23.55 15.18 18.16
C PHE A 119 -22.70 15.70 19.32
N ASN A 120 -23.18 15.47 20.54
CA ASN A 120 -22.62 16.12 21.72
C ASN A 120 -21.58 15.27 22.45
N GLY A 121 -21.20 14.11 21.90
CA GLY A 121 -20.22 13.24 22.52
C GLY A 121 -20.81 11.94 23.05
N THR A 122 -22.04 11.96 23.55
CA THR A 122 -22.66 10.80 24.15
C THR A 122 -23.91 10.40 23.36
N GLY A 123 -24.07 9.11 23.14
CA GLY A 123 -25.31 8.59 22.61
C GLY A 123 -25.21 8.05 21.20
N PRO A 124 -26.35 7.92 20.53
CA PRO A 124 -26.36 7.29 19.22
C PRO A 124 -26.08 8.28 18.10
N CYS A 125 -25.25 7.84 17.16
CA CYS A 125 -24.99 8.56 15.92
C CYS A 125 -25.41 7.64 14.80
N LYS A 126 -26.10 8.21 13.81
CA LYS A 126 -26.58 7.49 12.63
C LYS A 126 -25.79 7.84 11.38
N ASN A 127 -25.39 9.10 11.20
CA ASN A 127 -24.44 9.39 10.13
C ASN A 127 -23.06 8.93 10.57
N VAL A 128 -22.91 7.62 10.74
CA VAL A 128 -21.66 7.02 11.15
C VAL A 128 -20.96 6.46 9.92
N SER A 129 -19.65 6.61 9.87
CA SER A 129 -18.87 6.14 8.73
C SER A 129 -17.47 5.78 9.22
N SER A 130 -16.90 4.72 8.68
CA SER A 130 -15.66 4.18 9.22
C SER A 130 -14.46 4.62 8.40
N VAL A 131 -13.33 4.78 9.09
CA VAL A 131 -12.07 5.15 8.48
C VAL A 131 -10.95 4.65 9.39
N GLN A 132 -9.70 4.99 9.09
CA GLN A 132 -8.56 4.36 9.76
C GLN A 132 -7.71 5.32 10.57
N CYS A 133 -7.56 6.56 10.12
CA CYS A 133 -6.72 7.52 10.81
C CYS A 133 -7.61 8.69 11.21
N THR A 134 -7.28 9.28 12.36
CA THR A 134 -8.07 10.35 12.95
C THR A 134 -8.09 11.59 12.06
N HIS A 135 -8.03 12.73 12.69
CA HIS A 135 -7.85 14.01 12.02
C HIS A 135 -6.73 14.73 12.73
N GLY A 136 -5.98 15.54 11.98
CA GLY A 136 -4.77 16.19 12.46
C GLY A 136 -4.84 16.64 13.90
N ILE A 137 -4.66 15.70 14.84
CA ILE A 137 -4.70 16.04 16.25
C ILE A 137 -3.45 16.84 16.61
N LYS A 138 -3.65 18.00 17.21
CA LYS A 138 -2.56 18.83 17.71
C LYS A 138 -2.49 18.68 19.22
N PRO A 139 -1.65 17.78 19.73
CA PRO A 139 -1.63 17.51 21.18
C PRO A 139 -1.11 18.67 22.01
N VAL A 140 -1.95 19.64 22.30
CA VAL A 140 -1.58 20.77 23.15
C VAL A 140 -2.43 20.73 24.41
N VAL A 141 -1.77 20.71 25.55
CA VAL A 141 -2.45 20.65 26.84
C VAL A 141 -2.59 22.06 27.39
N SER A 142 -3.75 22.35 27.97
CA SER A 142 -4.04 23.67 28.49
C SER A 142 -5.04 23.53 29.63
N THR A 143 -5.42 24.68 30.20
CA THR A 143 -6.42 24.73 31.24
C THR A 143 -7.47 25.77 30.88
N GLN A 144 -8.70 25.54 31.35
CA GLN A 144 -9.81 26.46 31.16
C GLN A 144 -10.18 26.60 29.69
N LEU A 145 -9.24 27.07 28.87
CA LEU A 145 -9.49 27.31 27.47
C LEU A 145 -8.72 26.30 26.61
N LEU A 146 -9.35 25.85 25.54
CA LEU A 146 -8.79 24.84 24.65
C LEU A 146 -8.23 25.50 23.41
N LEU A 147 -7.03 25.08 23.01
CA LEU A 147 -6.23 25.78 22.04
C LEU A 147 -6.02 24.95 20.78
N ASN A 148 -5.94 25.62 19.64
CA ASN A 148 -5.39 25.09 18.40
C ASN A 148 -6.11 23.84 17.90
N GLY A 149 -7.36 23.63 18.30
CA GLY A 149 -8.09 22.43 17.96
C GLY A 149 -9.09 22.63 16.83
N SER A 150 -9.94 21.64 16.65
CA SER A 150 -10.97 21.67 15.63
C SER A 150 -12.26 22.23 16.21
N LEU A 151 -12.92 23.10 15.45
CA LEU A 151 -14.10 23.81 15.91
C LEU A 151 -15.33 22.91 15.82
N ALA A 152 -16.40 23.35 16.47
CA ALA A 152 -17.67 22.64 16.40
C ALA A 152 -18.30 22.91 15.04
N GLU A 153 -18.69 21.82 14.37
CA GLU A 153 -18.92 21.88 12.93
C GLU A 153 -20.10 22.79 12.56
N GLU A 154 -21.20 22.68 13.29
CA GLU A 154 -22.38 23.45 12.90
C GLU A 154 -22.72 24.52 13.94
N GLU A 155 -23.29 24.12 15.07
CA GLU A 155 -23.58 25.03 16.15
C GLU A 155 -22.77 24.64 17.37
N ILE A 156 -22.51 25.63 18.23
CA ILE A 156 -21.67 25.41 19.40
C ILE A 156 -22.19 24.23 20.20
N ILE A 157 -21.27 23.36 20.62
CA ILE A 157 -21.63 22.12 21.30
C ILE A 157 -21.17 22.22 22.74
N ILE A 158 -21.94 21.63 23.66
CA ILE A 158 -21.54 21.55 25.06
C ILE A 158 -21.53 20.08 25.46
N ARG A 159 -20.38 19.61 25.92
CA ARG A 159 -20.13 18.19 26.17
C ARG A 159 -19.94 17.98 27.67
N SER A 160 -20.63 16.98 28.20
CA SER A 160 -20.55 16.65 29.61
C SER A 160 -21.01 15.22 29.79
N GLU A 161 -20.42 14.50 30.74
CA GLU A 161 -20.86 13.13 30.99
C GLU A 161 -22.31 13.12 31.46
N ASN A 162 -22.68 14.07 32.32
CA ASN A 162 -24.07 14.43 32.57
C ASN A 162 -24.14 15.90 32.95
N LEU A 163 -25.03 16.64 32.28
CA LEU A 163 -25.33 18.00 32.71
C LEU A 163 -25.94 18.02 34.10
N THR A 164 -26.58 16.91 34.50
CA THR A 164 -27.30 16.88 35.76
C THR A 164 -26.36 16.93 36.95
N ASN A 165 -25.32 16.10 36.94
CA ASN A 165 -24.32 16.09 38.00
C ASN A 165 -23.23 17.09 37.67
N ASN A 166 -22.82 17.89 38.66
CA ASN A 166 -21.91 19.00 38.40
C ASN A 166 -20.44 18.65 38.59
N ALA A 167 -20.13 17.58 39.33
CA ALA A 167 -18.72 17.24 39.56
C ALA A 167 -18.00 17.03 38.23
N LYS A 168 -18.67 16.38 37.28
CA LYS A 168 -18.15 16.26 35.94
C LYS A 168 -18.10 17.64 35.28
N THR A 169 -16.97 17.97 34.69
CA THR A 169 -16.80 19.31 34.12
C THR A 169 -17.55 19.41 32.79
N ILE A 170 -17.57 20.63 32.27
CA ILE A 170 -18.24 20.99 31.03
C ILE A 170 -17.17 21.36 30.02
N ILE A 171 -17.33 20.88 28.79
CA ILE A 171 -16.42 21.23 27.69
C ILE A 171 -17.28 21.89 26.61
N VAL A 172 -17.25 23.20 26.54
CA VAL A 172 -17.93 23.88 25.45
C VAL A 172 -16.98 23.93 24.27
N HIS A 173 -17.53 23.71 23.08
CA HIS A 173 -16.79 23.65 21.84
C HIS A 173 -17.35 24.71 20.92
N LEU A 174 -16.50 25.65 20.53
CA LEU A 174 -16.88 26.90 19.91
C LEU A 174 -17.21 26.72 18.44
N ASN A 175 -18.04 27.63 17.93
CA ASN A 175 -18.41 27.60 16.53
C ASN A 175 -17.34 28.29 15.68
N LYS A 176 -16.91 29.47 16.11
CA LYS A 176 -15.83 30.21 15.49
C LYS A 176 -14.74 30.45 16.51
N SER A 177 -13.49 30.19 16.14
CA SER A 177 -12.37 30.26 17.06
C SER A 177 -12.03 31.72 17.35
N VAL A 178 -11.27 31.94 18.43
CA VAL A 178 -10.87 33.30 18.82
C VAL A 178 -9.38 33.32 19.11
N GLU A 179 -8.62 34.14 18.38
CA GLU A 179 -7.17 34.07 18.49
C GLU A 179 -6.67 34.85 19.70
N ILE A 180 -5.48 34.50 20.16
CA ILE A 180 -4.91 35.09 21.37
C ILE A 180 -3.41 35.19 21.20
N ASN A 181 -2.82 36.31 21.68
CA ASN A 181 -1.39 36.57 21.46
C ASN A 181 -0.71 36.75 22.81
N CYS A 182 0.19 35.83 23.15
CA CYS A 182 0.94 35.88 24.41
C CYS A 182 2.40 36.24 24.14
N THR A 183 2.94 37.18 24.92
CA THR A 183 4.21 37.81 24.58
C THR A 183 5.10 38.05 25.80
N ARG A 184 6.38 37.72 25.63
CA ARG A 184 7.52 37.99 26.52
C ARG A 184 8.49 38.94 25.85
N PRO A 185 8.60 40.21 26.28
CA PRO A 185 9.60 41.13 25.73
C PRO A 185 10.79 41.39 26.67
N GLY A 194 14.41 42.58 26.16
CA GLY A 194 14.68 43.31 27.38
C GLY A 194 14.93 42.42 28.57
N ASP A 195 14.43 41.18 28.49
CA ASP A 195 14.57 40.19 29.55
C ASP A 195 13.98 40.73 30.85
N ILE A 196 12.66 40.65 30.99
CA ILE A 196 11.96 41.15 32.17
C ILE A 196 11.27 39.98 32.86
N ARG A 197 10.56 40.27 33.95
CA ARG A 197 10.12 39.24 34.90
C ARG A 197 9.01 38.36 34.33
N LYS A 198 7.89 38.98 33.95
CA LYS A 198 6.70 38.24 33.53
C LYS A 198 6.14 38.87 32.26
N ALA A 199 5.06 38.29 31.73
CA ALA A 199 4.63 38.52 30.36
C ALA A 199 3.14 38.89 30.30
N TYR A 200 2.60 39.04 29.09
CA TYR A 200 1.19 39.42 28.98
C TYR A 200 0.54 38.72 27.79
N CYS A 201 -0.76 38.99 27.60
CA CYS A 201 -1.50 38.32 26.53
C CYS A 201 -2.72 39.15 26.14
N GLU A 202 -3.06 39.16 24.85
CA GLU A 202 -4.10 40.06 24.36
C GLU A 202 -5.13 39.31 23.50
N ILE A 203 -6.36 39.84 23.54
CA ILE A 203 -7.55 39.22 22.93
C ILE A 203 -8.55 40.31 22.53
N ASN A 204 -9.21 40.13 21.36
CA ASN A 204 -10.23 41.09 20.92
C ASN A 204 -11.46 40.93 21.79
N GLY A 205 -11.79 41.97 22.55
CA GLY A 205 -12.99 41.92 23.38
C GLY A 205 -14.25 41.75 22.56
N THR A 206 -14.25 42.28 21.33
CA THR A 206 -15.41 42.24 20.44
C THR A 206 -15.86 40.81 20.18
N LYS A 207 -15.09 40.06 19.38
CA LYS A 207 -15.50 38.72 18.99
C LYS A 207 -15.57 37.78 20.19
N TRP A 208 -14.70 37.99 21.19
CA TRP A 208 -14.71 37.10 22.33
C TRP A 208 -16.00 37.24 23.15
N ASN A 209 -16.38 38.48 23.44
CA ASN A 209 -17.62 38.66 24.19
C ASN A 209 -18.83 38.28 23.33
N LYS A 210 -18.72 38.41 22.01
CA LYS A 210 -19.79 37.90 21.15
C LYS A 210 -19.96 36.39 21.31
N VAL A 211 -18.88 35.63 21.11
CA VAL A 211 -19.00 34.17 21.21
C VAL A 211 -19.33 33.75 22.64
N LEU A 212 -18.91 34.55 23.61
CA LEU A 212 -19.25 34.27 25.00
C LEU A 212 -20.75 34.41 25.22
N LYS A 213 -21.36 35.46 24.67
CA LYS A 213 -22.80 35.57 24.76
C LYS A 213 -23.50 34.49 23.94
N GLN A 214 -22.85 34.01 22.87
CA GLN A 214 -23.40 32.90 22.09
C GLN A 214 -23.52 31.64 22.94
N VAL A 215 -22.43 31.27 23.60
CA VAL A 215 -22.49 30.07 24.45
C VAL A 215 -23.40 30.33 25.64
N THR A 216 -23.53 31.58 26.08
CA THR A 216 -24.51 31.90 27.10
C THR A 216 -25.92 31.57 26.64
N GLU A 217 -26.25 31.96 25.40
CA GLU A 217 -27.56 31.63 24.83
C GLU A 217 -27.76 30.12 24.80
N LYS A 218 -26.74 29.38 24.37
CA LYS A 218 -26.88 27.92 24.30
C LYS A 218 -27.11 27.31 25.69
N LEU A 219 -26.30 27.72 26.67
CA LEU A 219 -26.46 27.22 28.03
C LEU A 219 -27.84 27.54 28.58
N LYS A 220 -28.37 28.72 28.22
CA LYS A 220 -29.75 29.03 28.55
C LYS A 220 -30.71 28.03 27.90
N GLU A 221 -30.44 27.68 26.63
CA GLU A 221 -31.29 26.71 25.94
C GLU A 221 -31.38 25.40 26.72
N HIS A 222 -30.23 24.89 27.21
CA HIS A 222 -30.29 23.60 27.88
C HIS A 222 -30.74 23.70 29.33
N PHE A 223 -30.51 24.84 29.99
CA PHE A 223 -31.06 25.07 31.32
C PHE A 223 -32.24 26.03 31.23
N ASN A 224 -33.21 25.71 30.37
CA ASN A 224 -34.40 26.50 30.06
C ASN A 224 -34.34 27.99 30.39
N ASN A 225 -33.67 28.76 29.54
CA ASN A 225 -33.73 30.24 29.56
C ASN A 225 -33.31 30.84 30.90
N LYS A 226 -32.61 30.09 31.75
CA LYS A 226 -32.18 30.57 33.06
C LYS A 226 -31.04 31.58 32.88
N THR A 227 -30.94 32.48 33.85
CA THR A 227 -29.86 33.47 33.84
C THR A 227 -28.52 32.79 34.13
N ILE A 228 -27.47 33.29 33.49
CA ILE A 228 -26.15 32.67 33.52
C ILE A 228 -25.16 33.64 34.15
N ILE A 229 -24.21 33.11 34.92
CA ILE A 229 -23.28 33.89 35.73
C ILE A 229 -21.89 33.28 35.62
N PHE A 230 -20.93 34.01 35.06
CA PHE A 230 -19.54 33.58 35.06
C PHE A 230 -18.81 34.15 36.26
N GLN A 231 -17.94 33.34 36.85
CA GLN A 231 -17.17 33.76 38.02
C GLN A 231 -15.77 33.20 37.94
N PRO A 232 -14.81 33.82 38.63
CA PRO A 232 -13.44 33.30 38.65
C PRO A 232 -13.39 31.93 39.30
N PRO A 233 -12.29 31.20 39.15
CA PRO A 233 -12.20 29.88 39.79
C PRO A 233 -12.06 30.02 41.30
N SER A 234 -12.39 28.92 41.99
CA SER A 234 -12.33 28.89 43.44
C SER A 234 -10.95 29.28 43.96
N GLY A 235 -9.91 28.67 43.40
CA GLY A 235 -8.56 28.91 43.87
C GLY A 235 -7.84 27.62 44.18
N GLY A 236 -6.69 27.73 44.82
CA GLY A 236 -5.94 26.53 45.23
C GLY A 236 -4.80 26.23 44.24
N ASP A 237 -4.91 25.08 43.56
CA ASP A 237 -3.90 24.68 42.59
C ASP A 237 -3.83 25.67 41.44
N LEU A 238 -2.87 26.60 41.51
CA LEU A 238 -2.72 27.73 40.59
C LEU A 238 -3.16 27.43 39.17
N GLU A 239 -2.68 26.32 38.61
CA GLU A 239 -2.95 26.00 37.21
C GLU A 239 -4.45 25.93 36.92
N ILE A 240 -5.23 25.33 37.82
CA ILE A 240 -6.67 25.22 37.56
C ILE A 240 -7.44 26.45 37.98
N THR A 241 -6.78 27.43 38.60
CA THR A 241 -7.39 28.75 38.82
C THR A 241 -6.77 29.82 37.93
N MET A 242 -6.17 29.40 36.81
CA MET A 242 -5.42 30.25 35.90
C MET A 242 -5.51 29.64 34.50
N HIS A 243 -5.15 30.43 33.50
CA HIS A 243 -4.94 29.87 32.17
C HIS A 243 -3.47 29.47 32.07
N SER A 244 -3.19 28.22 32.36
CA SER A 244 -1.83 27.70 32.36
C SER A 244 -1.60 26.89 31.08
N PHE A 245 -0.49 27.18 30.41
CA PHE A 245 -0.15 26.44 29.19
C PHE A 245 1.30 26.72 28.82
N ASN A 246 1.93 25.75 28.16
CA ASN A 246 3.31 25.91 27.72
C ASN A 246 3.32 26.44 26.30
N CYS A 247 3.89 27.63 26.14
CA CYS A 247 4.13 28.25 24.85
C CYS A 247 5.63 28.24 24.58
N ARG A 248 6.03 27.58 23.49
CA ARG A 248 7.38 27.64 22.95
C ARG A 248 8.45 27.43 24.02
N GLY A 249 8.19 26.49 24.92
CA GLY A 249 9.15 26.09 25.92
C GLY A 249 8.85 26.54 27.34
N GLU A 250 8.05 27.60 27.51
CA GLU A 250 7.87 28.18 28.84
C GLU A 250 6.39 28.28 29.19
N PHE A 251 6.11 28.26 30.49
CA PHE A 251 4.76 28.09 31.03
C PHE A 251 4.16 29.43 31.42
N PHE A 252 3.03 29.76 30.81
CA PHE A 252 2.31 31.00 31.08
C PHE A 252 1.06 30.72 31.89
N TYR A 253 0.78 31.62 32.84
CA TYR A 253 -0.39 31.58 33.72
C TYR A 253 -1.12 32.91 33.57
N CYS A 254 -2.19 32.93 32.79
CA CYS A 254 -2.92 34.16 32.48
C CYS A 254 -4.15 34.28 33.39
N ASN A 255 -4.26 35.42 34.06
CA ASN A 255 -5.42 35.72 34.89
C ASN A 255 -6.62 35.95 33.98
N THR A 256 -7.58 35.03 34.03
CA THR A 256 -8.76 35.08 33.18
C THR A 256 -9.94 35.75 33.87
N THR A 257 -9.69 36.55 34.90
CA THR A 257 -10.79 37.27 35.54
C THR A 257 -11.48 38.20 34.56
N GLN A 258 -10.74 38.76 33.61
CA GLN A 258 -11.31 39.73 32.70
C GLN A 258 -12.21 39.06 31.66
N LEU A 259 -11.76 37.94 31.10
CA LEU A 259 -12.52 37.27 30.04
C LEU A 259 -13.91 36.88 30.51
N PHE A 260 -14.02 36.43 31.76
CA PHE A 260 -15.28 35.96 32.33
C PHE A 260 -16.02 37.09 33.01
N ASN A 261 -16.18 38.19 32.28
CA ASN A 261 -16.95 39.33 32.76
C ASN A 261 -18.43 39.11 32.50
N ASN A 262 -19.23 39.32 33.54
CA ASN A 262 -20.67 39.10 33.43
C ASN A 262 -21.33 40.18 32.59
N THR A 263 -20.81 41.40 32.67
CA THR A 263 -21.43 42.57 32.06
C THR A 263 -20.88 42.89 30.67
N CYS A 264 -20.15 41.97 30.07
CA CYS A 264 -19.62 42.19 28.72
C CYS A 264 -19.81 40.95 27.85
N CYS A 273 -17.59 48.41 26.66
CA CYS A 273 -16.49 47.76 27.33
C CYS A 273 -15.75 46.83 26.37
N ASN A 274 -16.04 46.95 25.07
CA ASN A 274 -15.55 45.95 24.12
C ASN A 274 -14.33 46.42 23.33
N GLY A 275 -13.28 46.83 24.05
CA GLY A 275 -11.99 47.10 23.46
C GLY A 275 -11.03 45.94 23.68
N THR A 276 -9.84 46.06 23.08
CA THR A 276 -8.84 45.02 23.19
C THR A 276 -8.47 44.76 24.65
N ILE A 277 -8.51 43.50 25.05
CA ILE A 277 -8.38 43.08 26.44
C ILE A 277 -6.97 42.53 26.67
N THR A 278 -6.40 42.91 27.81
CA THR A 278 -5.06 42.51 28.25
C THR A 278 -5.16 41.58 29.45
N LEU A 279 -4.23 40.62 29.50
CA LEU A 279 -4.13 39.61 30.54
C LEU A 279 -2.72 39.62 31.10
N PRO A 280 -2.55 39.74 32.41
CA PRO A 280 -1.20 39.67 33.00
C PRO A 280 -0.78 38.22 33.24
N CYS A 281 0.12 37.69 32.41
CA CYS A 281 0.46 36.27 32.44
C CYS A 281 1.82 36.07 33.10
N LYS A 282 1.87 35.14 34.05
CA LYS A 282 3.09 34.79 34.76
C LYS A 282 3.83 33.70 34.00
N ILE A 283 5.04 34.01 33.53
CA ILE A 283 5.99 33.00 33.06
C ILE A 283 6.78 32.53 34.29
N LYS A 284 6.33 31.44 34.90
CA LYS A 284 6.95 30.98 36.13
C LYS A 284 7.83 29.77 35.86
N GLN A 285 9.01 29.78 36.47
CA GLN A 285 10.00 28.72 36.32
C GLN A 285 9.72 27.51 37.19
N ILE A 286 8.86 27.63 38.21
CA ILE A 286 8.47 26.51 39.06
C ILE A 286 7.02 26.15 38.75
N ILE A 287 6.79 24.90 38.34
CA ILE A 287 5.46 24.41 38.01
C ILE A 287 5.14 23.18 38.85
N ASN A 288 3.87 22.83 38.89
CA ASN A 288 3.43 21.52 39.35
C ASN A 288 3.15 20.65 38.13
N MET A 289 3.62 19.40 38.19
CA MET A 289 3.70 18.56 37.01
C MET A 289 2.35 17.97 36.66
N TRP A 290 1.95 18.13 35.41
CA TRP A 290 0.85 17.37 34.85
C TRP A 290 1.26 15.91 34.62
N GLN A 291 2.58 15.66 34.62
CA GLN A 291 3.12 14.32 34.47
C GLN A 291 2.53 13.37 35.51
N GLY A 292 2.50 13.78 36.77
CA GLY A 292 1.99 12.97 37.85
C GLY A 292 2.21 13.64 39.17
N THR A 293 2.29 12.86 40.25
CA THR A 293 2.67 13.42 41.53
C THR A 293 4.11 13.94 41.45
N GLY A 294 4.28 15.20 41.83
CA GLY A 294 5.57 15.86 41.76
C GLY A 294 5.44 17.25 41.15
N GLN A 295 6.52 18.01 41.32
CA GLN A 295 6.59 19.39 40.85
C GLN A 295 7.98 19.66 40.29
N ALA A 296 8.05 20.52 39.29
CA ALA A 296 9.23 20.68 38.45
C ALA A 296 9.70 22.13 38.41
N MET A 297 10.95 22.30 37.95
CA MET A 297 11.57 23.61 37.74
C MET A 297 12.28 23.60 36.40
N TYR A 298 12.11 24.66 35.62
CA TYR A 298 12.69 24.78 34.29
C TYR A 298 13.71 25.91 34.27
N ALA A 299 14.78 25.70 33.49
CA ALA A 299 16.00 26.49 33.61
C ALA A 299 15.83 27.88 33.03
N PRO A 300 16.71 28.82 33.42
CA PRO A 300 16.89 30.10 32.73
C PRO A 300 17.92 30.00 31.61
N LYS A 305 11.73 37.58 24.79
CA LYS A 305 11.46 37.83 23.37
C LYS A 305 10.83 36.60 22.70
N ILE A 306 9.58 36.31 23.02
CA ILE A 306 8.91 35.13 22.45
C ILE A 306 7.41 35.37 22.43
N ASN A 307 6.73 34.72 21.47
CA ASN A 307 5.33 35.01 21.17
C ASN A 307 4.60 33.75 20.73
N CYS A 308 3.35 33.64 21.15
CA CYS A 308 2.44 32.60 20.65
C CYS A 308 1.13 33.20 20.21
N VAL A 309 0.69 32.79 19.02
CA VAL A 309 -0.67 33.03 18.53
C VAL A 309 -1.41 31.70 18.60
N SER A 310 -2.62 31.72 19.13
CA SER A 310 -3.36 30.46 19.11
C SER A 310 -4.87 30.69 19.03
N ASN A 311 -5.54 29.79 18.32
CA ASN A 311 -7.00 29.79 18.25
C ASN A 311 -7.59 29.17 19.51
N ILE A 312 -8.62 29.81 20.04
CA ILE A 312 -9.42 29.28 21.13
C ILE A 312 -10.60 28.58 20.47
N THR A 313 -10.69 27.26 20.70
CA THR A 313 -11.71 26.40 20.13
C THR A 313 -12.64 25.80 21.15
N GLY A 314 -12.31 25.87 22.43
CA GLY A 314 -13.15 25.32 23.47
C GLY A 314 -12.79 25.88 24.82
N ILE A 315 -13.71 25.70 25.77
CA ILE A 315 -13.53 26.18 27.13
C ILE A 315 -13.99 25.10 28.12
N LEU A 316 -13.24 24.96 29.22
CA LEU A 316 -13.59 24.07 30.30
C LEU A 316 -14.23 24.86 31.43
N LEU A 317 -15.41 24.43 31.86
CA LEU A 317 -16.23 25.18 32.80
C LEU A 317 -16.83 24.25 33.84
N THR A 318 -16.75 24.63 35.09
CA THR A 318 -17.42 23.93 36.16
C THR A 318 -18.62 24.74 36.63
N ARG A 319 -19.70 24.04 36.97
CA ARG A 319 -20.90 24.68 37.48
C ARG A 319 -20.73 24.85 38.98
N ASP A 320 -21.80 24.87 39.75
CA ASP A 320 -21.65 25.07 41.19
C ASP A 320 -22.63 24.22 41.98
N GLY A 321 -23.77 24.80 42.35
CA GLY A 321 -24.73 24.04 43.14
C GLY A 321 -25.88 24.85 43.68
N GLY A 322 -26.85 25.17 42.84
CA GLY A 322 -27.99 25.94 43.30
C GLY A 322 -29.18 25.10 43.72
N ALA A 323 -29.40 24.94 45.04
CA ALA A 323 -30.50 24.09 45.52
C ALA A 323 -31.83 24.82 45.40
N ASN A 324 -31.88 26.08 45.85
CA ASN A 324 -32.98 26.95 45.42
C ASN A 324 -32.92 27.28 43.95
N ASN A 325 -31.80 26.98 43.28
CA ASN A 325 -31.81 26.93 41.83
C ASN A 325 -31.79 28.37 41.34
N THR A 326 -31.94 29.28 42.29
CA THR A 326 -31.90 30.73 42.07
C THR A 326 -32.84 31.02 40.90
N SER A 327 -32.48 32.01 40.10
CA SER A 327 -32.86 32.07 38.70
C SER A 327 -31.60 32.16 37.86
N ASN A 328 -30.51 31.57 38.36
CA ASN A 328 -29.18 31.77 37.80
C ASN A 328 -28.28 30.59 38.12
N GLU A 329 -27.55 30.11 37.10
CA GLU A 329 -26.49 29.12 37.23
C GLU A 329 -25.15 29.80 37.01
N THR A 330 -24.17 29.47 37.84
CA THR A 330 -22.85 30.07 37.77
C THR A 330 -21.82 29.05 37.32
N PHE A 331 -20.94 29.48 36.41
CA PHE A 331 -19.90 28.67 35.81
C PHE A 331 -18.54 29.28 36.13
N ARG A 332 -17.57 28.41 36.32
CA ARG A 332 -16.21 28.81 36.68
C ARG A 332 -15.24 28.10 35.75
N PRO A 333 -14.14 28.75 35.37
CA PRO A 333 -13.15 28.08 34.52
C PRO A 333 -12.59 26.84 35.20
N GLY A 334 -12.63 25.73 34.48
CA GLY A 334 -12.22 24.47 35.06
C GLY A 334 -10.95 23.88 34.47
N GLY A 335 -10.83 22.57 34.50
CA GLY A 335 -9.63 21.90 34.02
C GLY A 335 -9.29 20.67 34.83
N GLY A 336 -8.02 20.56 35.23
CA GLY A 336 -7.60 19.51 36.15
C GLY A 336 -7.11 18.25 35.47
N ASN A 337 -7.99 17.27 35.30
CA ASN A 337 -7.61 16.06 34.58
C ASN A 337 -7.31 16.38 33.11
N ILE A 338 -6.08 16.08 32.70
CA ILE A 338 -5.67 16.29 31.32
C ILE A 338 -6.54 15.46 30.38
N LYS A 339 -7.16 14.42 30.91
CA LYS A 339 -7.99 13.51 30.11
C LYS A 339 -8.97 14.26 29.23
N ASP A 340 -9.67 15.24 29.81
CA ASP A 340 -10.67 16.02 29.07
C ASP A 340 -10.09 16.58 27.78
N ASN A 341 -8.87 17.12 27.84
CA ASN A 341 -8.26 17.76 26.68
C ASN A 341 -8.33 16.87 25.44
N TRP A 342 -8.23 15.55 25.63
CA TRP A 342 -8.23 14.67 24.48
C TRP A 342 -9.63 14.29 24.04
N ARG A 343 -10.56 14.12 25.00
CA ARG A 343 -11.94 13.81 24.64
C ARG A 343 -12.50 14.87 23.72
N SER A 344 -12.20 16.14 23.99
CA SER A 344 -12.65 17.25 23.16
C SER A 344 -12.34 17.06 21.69
N GLU A 345 -11.35 16.23 21.36
CA GLU A 345 -10.99 15.98 19.97
C GLU A 345 -11.25 14.55 19.52
N LEU A 346 -11.58 13.64 20.44
CA LEU A 346 -11.81 12.24 20.09
C LEU A 346 -13.23 11.81 20.46
N TYR A 347 -14.16 12.77 20.47
CA TYR A 347 -15.55 12.45 20.74
C TYR A 347 -16.20 11.74 19.55
N LYS A 348 -15.78 12.08 18.34
CA LYS A 348 -16.42 11.61 17.12
C LYS A 348 -15.91 10.24 16.65
N TYR A 349 -15.15 9.53 17.47
CA TYR A 349 -14.48 8.30 17.03
C TYR A 349 -14.71 7.17 18.02
N LYS A 350 -14.58 5.95 17.50
CA LYS A 350 -14.60 4.77 18.35
C LYS A 350 -13.82 3.64 17.68
N VAL A 351 -12.98 2.97 18.46
CA VAL A 351 -12.17 1.87 17.97
C VAL A 351 -12.96 0.57 18.15
N VAL A 352 -13.04 -0.22 17.07
CA VAL A 352 -13.75 -1.49 17.10
C VAL A 352 -12.96 -2.52 16.28
N GLN A 353 -13.37 -3.78 16.35
CA GLN A 353 -12.72 -4.88 15.65
C GLN A 353 -13.65 -5.40 14.56
N ILE A 354 -13.16 -5.51 13.33
CA ILE A 354 -14.03 -6.09 12.30
C ILE A 354 -14.10 -7.60 12.48
N GLU A 355 -15.31 -8.13 12.47
CA GLU A 355 -15.53 -9.58 12.51
C GLU A 355 -16.05 -10.11 11.18
N GLN B 1 -16.94 -11.19 -11.37
CA GLN B 1 -17.25 -9.89 -10.79
C GLN B 1 -16.07 -8.98 -10.92
N VAL B 2 -15.16 -9.14 -9.98
CA VAL B 2 -14.00 -8.29 -9.78
C VAL B 2 -13.03 -8.47 -10.97
N GLN B 3 -13.14 -7.59 -11.97
CA GLN B 3 -12.59 -7.87 -13.30
C GLN B 3 -11.96 -6.63 -13.94
N LEU B 4 -10.64 -6.68 -14.15
CA LEU B 4 -9.90 -5.61 -14.81
C LEU B 4 -9.39 -6.10 -16.18
N VAL B 5 -9.27 -5.16 -17.12
CA VAL B 5 -8.91 -5.48 -18.51
C VAL B 5 -8.00 -4.38 -19.05
N GLN B 6 -6.75 -4.71 -19.35
CA GLN B 6 -5.83 -3.71 -19.82
C GLN B 6 -5.70 -3.72 -21.34
N SER B 7 -4.88 -2.80 -21.83
CA SER B 7 -4.55 -2.72 -23.23
C SER B 7 -3.55 -3.82 -23.60
N GLY B 8 -3.22 -3.88 -24.89
CA GLY B 8 -2.34 -4.89 -25.41
C GLY B 8 -0.89 -4.46 -25.37
N ALA B 9 -0.05 -5.29 -25.97
CA ALA B 9 1.38 -5.00 -26.04
C ALA B 9 1.64 -3.84 -27.01
N GLU B 10 2.77 -3.17 -26.82
CA GLU B 10 3.04 -1.97 -27.59
C GLU B 10 4.53 -1.73 -27.67
N VAL B 11 4.94 -1.16 -28.80
CA VAL B 11 6.34 -0.81 -29.09
C VAL B 11 6.37 0.56 -29.75
N LYS B 12 6.82 1.56 -29.00
CA LYS B 12 7.06 2.90 -29.53
C LYS B 12 8.47 3.31 -29.15
N LYS B 13 9.12 4.04 -30.05
CA LYS B 13 10.57 4.25 -30.15
C LYS B 13 11.16 4.90 -28.90
N PRO B 14 12.49 4.88 -28.71
CA PRO B 14 13.06 5.46 -27.50
C PRO B 14 12.93 6.97 -27.50
N GLY B 15 12.86 7.54 -26.31
CA GLY B 15 12.64 8.97 -26.18
C GLY B 15 11.23 9.41 -26.43
N ALA B 16 10.29 8.49 -26.63
CA ALA B 16 8.90 8.85 -26.86
C ALA B 16 8.06 8.64 -25.60
N SER B 17 6.79 8.28 -25.79
CA SER B 17 5.85 8.13 -24.69
C SER B 17 4.73 7.19 -25.12
N VAL B 18 4.08 6.58 -24.13
CA VAL B 18 3.05 5.56 -24.37
C VAL B 18 1.92 5.69 -23.35
N LYS B 19 0.75 5.19 -23.77
CA LYS B 19 -0.51 5.23 -23.03
C LYS B 19 -1.06 3.81 -22.96
N VAL B 20 -1.27 3.29 -21.75
CA VAL B 20 -1.87 1.97 -21.54
C VAL B 20 -3.14 2.12 -20.70
N SER B 21 -4.22 1.51 -21.14
CA SER B 21 -5.50 1.68 -20.48
C SER B 21 -5.78 0.51 -19.54
N CYS B 22 -6.84 0.66 -18.75
CA CYS B 22 -7.22 -0.35 -17.75
C CYS B 22 -8.69 -0.12 -17.43
N LYS B 23 -9.56 -0.95 -18.01
CA LYS B 23 -11.00 -0.87 -17.80
C LYS B 23 -11.41 -1.79 -16.66
N ALA B 24 -12.03 -1.21 -15.64
CA ALA B 24 -12.44 -1.94 -14.44
C ALA B 24 -13.93 -2.23 -14.50
N SER B 25 -14.33 -3.39 -13.97
CA SER B 25 -15.71 -3.86 -14.11
C SER B 25 -16.05 -4.77 -12.94
N GLY B 26 -17.27 -4.65 -12.45
CA GLY B 26 -17.77 -5.47 -11.36
C GLY B 26 -17.96 -4.76 -10.04
N TYR B 27 -17.96 -3.43 -10.03
CA TYR B 27 -17.99 -2.61 -8.82
C TYR B 27 -18.02 -1.17 -9.33
N ILE B 28 -18.38 -0.21 -8.45
CA ILE B 28 -18.44 1.16 -8.97
C ILE B 28 -17.01 1.58 -9.24
N PHE B 29 -16.84 2.34 -10.30
CA PHE B 29 -15.47 2.60 -10.71
C PHE B 29 -14.76 3.57 -9.76
N ILE B 30 -15.49 4.31 -8.94
CA ILE B 30 -14.92 5.55 -8.38
C ILE B 30 -14.51 5.50 -6.90
N SER B 31 -15.09 4.63 -6.08
CA SER B 31 -14.68 4.62 -4.68
C SER B 31 -13.38 3.87 -4.43
N TYR B 32 -12.82 3.19 -5.42
CA TYR B 32 -11.62 2.39 -5.23
C TYR B 32 -10.45 2.94 -6.06
N PHE B 33 -9.32 3.12 -5.39
CA PHE B 33 -8.10 3.67 -5.97
C PHE B 33 -7.47 2.69 -6.94
N MET B 34 -6.85 3.23 -8.00
CA MET B 34 -6.16 2.41 -8.99
C MET B 34 -4.66 2.61 -8.83
N HIS B 35 -3.94 1.51 -8.66
CA HIS B 35 -2.50 1.53 -8.48
C HIS B 35 -1.83 0.96 -9.73
N TRP B 36 -0.62 1.45 -10.01
CA TRP B 36 0.18 0.97 -11.12
C TRP B 36 1.53 0.51 -10.62
N VAL B 37 1.94 -0.69 -11.09
CA VAL B 37 3.20 -1.34 -10.72
C VAL B 37 3.81 -1.92 -12.01
N ARG B 38 5.10 -2.27 -11.94
CA ARG B 38 5.82 -2.71 -13.13
C ARG B 38 6.86 -3.77 -12.80
N GLN B 39 7.20 -4.56 -13.81
CA GLN B 39 8.17 -5.64 -13.71
C GLN B 39 9.07 -5.67 -14.93
N ALA B 40 10.38 -5.69 -14.70
CA ALA B 40 11.37 -5.89 -15.78
C ALA B 40 12.24 -7.08 -15.42
N PRO B 41 12.08 -8.23 -16.10
CA PRO B 41 12.88 -9.42 -15.78
C PRO B 41 14.37 -9.12 -15.70
N GLY B 42 14.93 -9.36 -14.52
CA GLY B 42 16.25 -8.88 -14.15
C GLY B 42 16.11 -8.27 -12.78
N GLN B 43 14.90 -7.81 -12.50
CA GLN B 43 14.49 -7.42 -11.16
C GLN B 43 13.13 -8.02 -10.86
N GLY B 44 12.51 -7.63 -9.75
CA GLY B 44 11.18 -8.07 -9.40
C GLY B 44 10.15 -7.02 -9.72
N LEU B 45 9.23 -6.82 -8.79
CA LEU B 45 8.21 -5.80 -8.91
C LEU B 45 8.51 -4.60 -8.01
N GLU B 46 7.96 -3.46 -8.40
CA GLU B 46 8.02 -2.26 -7.58
C GLU B 46 6.81 -1.40 -7.92
N TRP B 47 6.32 -0.71 -6.91
CA TRP B 47 5.11 0.10 -7.02
C TRP B 47 5.43 1.44 -7.68
N MET B 48 4.54 1.89 -8.56
CA MET B 48 4.74 3.13 -9.28
C MET B 48 3.83 4.26 -8.76
N GLY B 49 2.53 4.03 -8.64
CA GLY B 49 1.73 5.15 -8.18
C GLY B 49 0.28 4.90 -7.84
N ILE B 50 -0.34 5.94 -7.28
CA ILE B 50 -1.72 5.93 -6.80
C ILE B 50 -2.55 7.01 -7.48
N ILE B 51 -3.69 6.61 -8.07
CA ILE B 51 -4.70 7.53 -8.59
C ILE B 51 -6.02 7.26 -7.88
N ASN B 52 -6.75 8.34 -7.58
CA ASN B 52 -8.09 8.26 -7.01
C ASN B 52 -9.11 8.55 -8.09
N PRO B 53 -9.75 7.54 -8.68
CA PRO B 53 -10.73 7.83 -9.75
C PRO B 53 -12.04 8.40 -9.24
N SER B 54 -12.02 9.02 -8.07
CA SER B 54 -13.09 9.90 -7.63
C SER B 54 -12.65 11.35 -7.69
N SER B 55 -11.48 11.65 -7.13
CA SER B 55 -10.75 12.87 -7.42
C SER B 55 -9.97 12.67 -8.71
N GLY B 56 -8.81 13.31 -8.81
CA GLY B 56 -7.87 13.01 -9.87
C GLY B 56 -6.52 12.81 -9.24
N ASP B 57 -6.54 12.69 -7.91
CA ASP B 57 -5.32 12.79 -7.11
C ASP B 57 -4.33 11.69 -7.45
N THR B 58 -3.07 12.07 -7.59
CA THR B 58 -1.98 11.16 -7.88
C THR B 58 -0.88 11.36 -6.85
N ARG B 59 -0.46 10.28 -6.22
CA ARG B 59 0.76 10.28 -5.40
C ARG B 59 1.68 9.18 -5.91
N TYR B 60 2.95 9.50 -6.06
CA TYR B 60 3.86 8.68 -6.83
C TYR B 60 4.99 8.14 -5.96
N ALA B 61 5.58 7.04 -6.41
CA ALA B 61 6.83 6.57 -5.83
C ALA B 61 7.96 7.49 -6.29
N GLN B 62 9.03 7.54 -5.48
CA GLN B 62 10.07 8.53 -5.71
C GLN B 62 10.74 8.36 -7.06
N LYS B 63 11.15 7.13 -7.38
CA LYS B 63 11.88 6.90 -8.63
C LYS B 63 11.08 7.29 -9.86
N PHE B 64 9.75 7.16 -9.78
CA PHE B 64 8.90 7.38 -10.94
C PHE B 64 8.22 8.73 -10.92
N GLN B 65 8.61 9.61 -9.99
CA GLN B 65 8.13 10.98 -9.95
C GLN B 65 8.51 11.71 -11.24
N GLY B 66 7.51 12.11 -12.01
CA GLY B 66 7.75 12.84 -13.24
C GLY B 66 7.44 12.07 -14.50
N ARG B 67 8.06 10.90 -14.66
CA ARG B 67 7.94 10.15 -15.90
C ARG B 67 6.53 9.60 -16.10
N VAL B 68 5.87 9.18 -15.03
CA VAL B 68 4.56 8.55 -15.11
C VAL B 68 3.48 9.59 -14.81
N THR B 69 2.33 9.45 -15.47
CA THR B 69 1.15 10.23 -15.15
C THR B 69 -0.07 9.33 -15.26
N MET B 70 -1.09 9.64 -14.45
CA MET B 70 -2.31 8.85 -14.39
C MET B 70 -3.51 9.70 -14.78
N THR B 71 -4.54 9.02 -15.28
CA THR B 71 -5.71 9.70 -15.79
C THR B 71 -6.93 8.81 -15.62
N ARG B 72 -8.09 9.45 -15.47
CA ARG B 72 -9.38 8.80 -15.37
C ARG B 72 -10.25 9.17 -16.56
N ASP B 73 -11.19 8.28 -16.90
CA ASP B 73 -12.37 8.67 -17.68
C ASP B 73 -13.58 8.00 -17.02
N THR B 74 -13.88 8.44 -15.80
CA THR B 74 -14.98 7.90 -15.01
C THR B 74 -16.33 8.11 -15.67
N SER B 75 -16.58 7.34 -16.72
CA SER B 75 -17.85 7.33 -17.43
C SER B 75 -17.89 6.09 -18.30
N THR B 76 -16.85 5.93 -19.11
CA THR B 76 -16.47 4.64 -19.67
C THR B 76 -15.49 3.91 -18.76
N ASN B 77 -15.49 4.26 -17.46
CA ASN B 77 -14.70 3.67 -16.37
C ASN B 77 -13.39 3.01 -16.79
N THR B 78 -12.46 3.79 -17.35
CA THR B 78 -11.12 3.31 -17.62
C THR B 78 -10.10 4.26 -17.01
N VAL B 79 -8.95 3.71 -16.68
CA VAL B 79 -7.79 4.45 -16.20
C VAL B 79 -6.72 4.41 -17.29
N TYR B 80 -6.03 5.52 -17.45
CA TYR B 80 -4.95 5.65 -18.42
C TYR B 80 -3.64 5.90 -17.68
N MET B 81 -2.63 5.10 -18.01
CA MET B 81 -1.26 5.29 -17.57
C MET B 81 -0.44 5.83 -18.73
N GLU B 82 0.38 6.85 -18.47
CA GLU B 82 1.18 7.45 -19.53
C GLU B 82 2.62 7.62 -19.04
N LEU B 83 3.52 6.87 -19.67
CA LEU B 83 4.95 6.98 -19.38
C LEU B 83 5.62 7.68 -20.54
N SER B 84 6.66 8.47 -20.24
CA SER B 84 7.27 9.29 -21.27
C SER B 84 8.77 9.37 -21.04
N SER B 85 9.45 9.97 -22.02
CA SER B 85 10.91 10.04 -22.04
C SER B 85 11.50 8.63 -21.99
N LEU B 86 10.87 7.71 -22.73
CA LEU B 86 11.14 6.28 -22.66
C LEU B 86 12.60 5.95 -22.98
N ARG B 87 13.45 5.90 -21.96
CA ARG B 87 14.80 5.42 -22.19
C ARG B 87 14.77 3.91 -22.35
N SER B 88 15.88 3.35 -22.83
CA SER B 88 15.89 1.96 -23.30
C SER B 88 15.62 0.95 -22.19
N ASP B 89 15.85 1.32 -20.93
CA ASP B 89 15.71 0.37 -19.82
C ASP B 89 14.35 0.42 -19.15
N ASP B 90 13.42 1.26 -19.63
CA ASP B 90 12.05 1.23 -19.14
C ASP B 90 11.24 0.09 -19.71
N THR B 91 11.78 -0.65 -20.68
CA THR B 91 11.07 -1.76 -21.29
C THR B 91 10.69 -2.82 -20.25
N ALA B 92 9.38 -3.09 -20.14
CA ALA B 92 8.88 -3.87 -19.01
C ALA B 92 7.39 -4.12 -19.18
N VAL B 93 6.85 -4.92 -18.26
CA VAL B 93 5.42 -5.21 -18.22
C VAL B 93 4.77 -4.44 -17.07
N TYR B 94 3.67 -3.78 -17.36
CA TYR B 94 3.01 -2.88 -16.42
C TYR B 94 1.63 -3.41 -16.08
N TYR B 95 1.31 -3.42 -14.78
CA TYR B 95 0.07 -3.93 -14.22
C TYR B 95 -0.67 -2.80 -13.52
N CYS B 96 -1.99 -2.82 -13.64
CA CYS B 96 -2.91 -1.99 -12.88
C CYS B 96 -3.65 -2.88 -11.90
N ALA B 97 -4.01 -2.31 -10.75
CA ALA B 97 -4.67 -3.13 -9.74
C ALA B 97 -5.51 -2.24 -8.84
N ARG B 98 -6.35 -2.89 -8.04
CA ARG B 98 -7.31 -2.25 -7.16
C ARG B 98 -6.98 -2.62 -5.71
N ARG B 99 -7.82 -2.16 -4.79
CA ARG B 99 -7.60 -2.28 -3.35
C ARG B 99 -8.81 -2.89 -2.63
N PRO B 100 -9.26 -4.09 -3.06
CA PRO B 100 -10.61 -4.55 -2.71
C PRO B 100 -10.95 -4.63 -1.23
N GLY B 101 -12.20 -4.93 -0.97
CA GLY B 101 -12.65 -5.20 0.38
C GLY B 101 -14.12 -4.91 0.51
N GLY B 102 -14.50 -4.63 1.75
CA GLY B 102 -15.84 -4.18 2.06
C GLY B 102 -15.73 -2.90 2.84
N LEU B 103 -15.96 -3.03 4.14
CA LEU B 103 -15.96 -1.86 5.06
C LEU B 103 -14.53 -1.54 5.49
N GLU B 104 -14.42 -0.60 6.43
CA GLU B 104 -13.15 -0.10 7.03
C GLU B 104 -12.20 0.31 5.90
N ARG B 105 -10.96 -0.19 5.96
CA ARG B 105 -9.97 0.11 4.96
C ARG B 105 -9.37 -1.22 4.52
N HIS B 106 -8.15 -1.52 5.00
CA HIS B 106 -7.38 -2.68 4.57
C HIS B 106 -7.46 -2.89 3.07
N ASN B 107 -6.51 -2.29 2.36
CA ASN B 107 -6.49 -2.23 0.90
C ASN B 107 -5.30 -3.09 0.42
N TRP B 108 -5.59 -4.36 0.18
CA TRP B 108 -4.67 -5.32 -0.37
C TRP B 108 -5.00 -5.53 -1.85
N LEU B 109 -3.97 -5.65 -2.68
CA LEU B 109 -4.15 -5.64 -4.12
C LEU B 109 -4.75 -6.98 -4.57
N ASP B 110 -6.09 -7.11 -4.64
CA ASP B 110 -6.98 -8.26 -4.97
C ASP B 110 -6.94 -8.51 -6.48
N PRO B 111 -7.85 -7.90 -7.28
CA PRO B 111 -7.87 -8.08 -8.73
C PRO B 111 -6.58 -7.50 -9.33
N TRP B 112 -6.14 -8.01 -10.48
CA TRP B 112 -4.85 -7.57 -11.08
C TRP B 112 -4.89 -7.65 -12.60
N GLY B 113 -4.82 -6.52 -13.29
CA GLY B 113 -4.79 -6.55 -14.74
C GLY B 113 -3.69 -7.48 -15.17
N GLN B 114 -3.91 -8.22 -16.25
CA GLN B 114 -2.96 -9.24 -16.69
C GLN B 114 -1.63 -8.63 -17.16
N GLY B 115 -1.55 -7.31 -17.21
CA GLY B 115 -0.29 -6.67 -17.54
C GLY B 115 -0.02 -6.56 -19.02
N THR B 116 0.39 -5.39 -19.46
CA THR B 116 0.84 -5.22 -20.85
C THR B 116 2.35 -5.04 -20.89
N LEU B 117 2.94 -5.48 -21.99
CA LEU B 117 4.38 -5.43 -22.15
C LEU B 117 4.75 -4.30 -23.11
N VAL B 118 5.79 -3.55 -22.75
CA VAL B 118 6.23 -2.37 -23.48
C VAL B 118 7.69 -2.56 -23.83
N THR B 119 7.96 -2.78 -25.11
CA THR B 119 9.32 -2.96 -25.63
C THR B 119 9.74 -1.66 -26.30
N VAL B 120 10.51 -0.83 -25.60
CA VAL B 120 11.03 0.39 -26.21
C VAL B 120 12.25 0.00 -27.06
N SER B 121 12.04 -0.04 -28.38
CA SER B 121 13.07 -0.43 -29.32
C SER B 121 13.17 0.61 -30.42
N SER B 122 13.99 0.33 -31.43
CA SER B 122 14.15 1.24 -32.56
C SER B 122 13.84 0.55 -33.89
N ALA B 123 13.18 -0.60 -33.86
CA ALA B 123 13.05 -1.45 -35.05
C ALA B 123 11.59 -1.55 -35.48
N SER B 124 11.38 -1.55 -36.80
CA SER B 124 10.06 -1.73 -37.38
C SER B 124 9.48 -3.08 -36.98
N THR B 125 8.24 -3.05 -36.51
CA THR B 125 7.58 -4.27 -36.05
C THR B 125 7.18 -5.12 -37.24
N LYS B 126 7.19 -6.44 -37.06
CA LYS B 126 6.94 -7.34 -38.16
C LYS B 126 6.26 -8.62 -37.66
N GLY B 127 5.28 -9.09 -38.42
CA GLY B 127 4.56 -10.31 -38.12
C GLY B 127 5.42 -11.56 -38.26
N PRO B 128 5.14 -12.55 -37.42
CA PRO B 128 5.97 -13.76 -37.36
C PRO B 128 5.61 -14.82 -38.38
N SER B 129 6.58 -15.70 -38.67
CA SER B 129 6.32 -16.83 -39.54
C SER B 129 6.24 -18.11 -38.72
N VAL B 130 5.13 -18.86 -38.90
CA VAL B 130 4.81 -20.10 -38.20
C VAL B 130 5.20 -21.28 -39.07
N PHE B 131 5.63 -22.37 -38.45
CA PHE B 131 6.21 -23.50 -39.20
C PHE B 131 6.01 -24.78 -38.41
N PRO B 132 6.12 -25.95 -39.09
CA PRO B 132 5.85 -27.22 -38.41
C PRO B 132 7.08 -27.85 -37.79
N LEU B 133 6.85 -28.88 -36.97
CA LEU B 133 7.94 -29.60 -36.31
C LEU B 133 7.66 -31.11 -36.29
N ALA B 134 7.04 -31.64 -37.34
CA ALA B 134 6.53 -33.00 -37.33
C ALA B 134 7.66 -34.00 -37.08
N PRO B 135 7.38 -35.12 -36.39
CA PRO B 135 8.36 -36.17 -36.10
C PRO B 135 8.57 -37.13 -37.27
N THR B 144 5.27 -43.15 -27.09
CA THR B 144 5.10 -41.69 -26.99
C THR B 144 5.94 -40.94 -28.03
N ALA B 145 5.38 -39.84 -28.53
CA ALA B 145 6.07 -39.02 -29.53
C ALA B 145 5.79 -37.55 -29.21
N ALA B 146 6.37 -36.64 -30.01
CA ALA B 146 6.23 -35.22 -29.72
C ALA B 146 6.39 -34.41 -30.99
N LEU B 147 5.77 -33.23 -31.00
CA LEU B 147 5.73 -32.35 -32.18
C LEU B 147 5.81 -30.91 -31.70
N GLY B 148 5.66 -29.96 -32.63
CA GLY B 148 5.61 -28.57 -32.23
C GLY B 148 5.41 -27.64 -33.41
N CYS B 149 5.58 -26.35 -33.12
CA CYS B 149 5.46 -25.24 -34.06
C CYS B 149 6.64 -24.30 -33.83
N LEU B 150 7.29 -23.90 -34.91
CA LEU B 150 8.42 -22.97 -34.88
C LEU B 150 7.94 -21.61 -35.36
N VAL B 151 7.91 -20.63 -34.45
CA VAL B 151 7.51 -19.28 -34.77
C VAL B 151 8.77 -18.41 -34.72
N LYS B 152 9.22 -17.98 -35.89
CA LYS B 152 10.53 -17.36 -36.01
C LYS B 152 10.41 -16.03 -36.76
N ASP B 153 11.41 -15.17 -36.54
CA ASP B 153 11.57 -13.93 -37.28
C ASP B 153 10.35 -13.04 -37.05
N TYR B 154 10.30 -12.47 -35.84
CA TYR B 154 9.24 -11.57 -35.46
C TYR B 154 9.76 -10.58 -34.45
N PHE B 155 8.95 -9.55 -34.21
CA PHE B 155 9.19 -8.51 -33.25
C PHE B 155 7.98 -7.60 -33.29
N PRO B 156 7.41 -7.24 -32.13
CA PRO B 156 7.89 -7.61 -30.80
C PRO B 156 7.17 -8.78 -30.15
N GLU B 157 7.67 -9.20 -28.99
CA GLU B 157 7.02 -10.15 -28.10
C GLU B 157 5.94 -9.41 -27.31
N PRO B 158 4.84 -10.08 -26.88
CA PRO B 158 4.73 -11.53 -26.91
C PRO B 158 3.66 -12.09 -27.88
N VAL B 159 3.97 -13.25 -28.45
CA VAL B 159 3.13 -14.02 -29.33
C VAL B 159 2.65 -15.23 -28.53
N THR B 160 1.35 -15.51 -28.61
CA THR B 160 0.70 -16.50 -27.77
C THR B 160 0.32 -17.70 -28.61
N VAL B 161 0.70 -18.89 -28.15
CA VAL B 161 0.56 -20.13 -28.91
C VAL B 161 -0.32 -21.10 -28.13
N SER B 162 -1.42 -21.52 -28.75
CA SER B 162 -2.39 -22.41 -28.13
C SER B 162 -2.68 -23.56 -29.07
N TRP B 163 -2.53 -24.79 -28.59
CA TRP B 163 -2.73 -25.98 -29.41
C TRP B 163 -4.20 -26.41 -29.36
N ASN B 164 -4.76 -26.66 -30.54
CA ASN B 164 -6.15 -27.10 -30.68
C ASN B 164 -7.11 -26.19 -29.92
N SER B 165 -6.84 -24.89 -30.00
CA SER B 165 -7.65 -23.87 -29.32
C SER B 165 -7.72 -24.13 -27.82
N GLY B 166 -6.58 -24.47 -27.21
CA GLY B 166 -6.57 -24.65 -25.77
C GLY B 166 -7.21 -25.92 -25.27
N ALA B 167 -7.47 -26.88 -26.14
CA ALA B 167 -7.94 -28.19 -25.72
C ALA B 167 -6.80 -29.16 -25.41
N LEU B 168 -5.60 -28.85 -25.87
CA LEU B 168 -4.40 -29.64 -25.61
C LEU B 168 -3.47 -28.78 -24.79
N THR B 169 -3.43 -29.02 -23.48
CA THR B 169 -2.70 -28.16 -22.56
C THR B 169 -1.69 -28.89 -21.68
N SER B 170 -1.77 -30.20 -21.54
CA SER B 170 -0.80 -30.95 -20.75
C SER B 170 0.26 -31.51 -21.68
N GLY B 171 1.52 -31.27 -21.34
CA GLY B 171 2.62 -31.63 -22.20
C GLY B 171 3.07 -30.52 -23.13
N VAL B 172 2.34 -29.42 -23.20
CA VAL B 172 2.75 -28.30 -24.04
C VAL B 172 3.77 -27.46 -23.28
N HIS B 173 4.85 -27.12 -23.99
CA HIS B 173 5.94 -26.31 -23.45
C HIS B 173 6.17 -25.16 -24.40
N THR B 174 6.03 -23.94 -23.88
CA THR B 174 6.20 -22.70 -24.63
C THR B 174 7.40 -21.98 -24.03
N PHE B 175 8.48 -21.91 -24.80
CA PHE B 175 9.75 -21.41 -24.31
C PHE B 175 9.73 -19.88 -24.22
N PRO B 176 10.71 -19.30 -23.53
CA PRO B 176 10.96 -17.86 -23.68
C PRO B 176 11.74 -17.61 -24.96
N ALA B 177 11.39 -16.51 -25.63
CA ALA B 177 11.96 -16.22 -26.94
C ALA B 177 13.46 -15.98 -26.82
N VAL B 178 14.14 -16.05 -27.95
CA VAL B 178 15.55 -15.68 -28.03
C VAL B 178 15.71 -14.62 -29.12
N LEU B 179 16.49 -13.59 -28.82
CA LEU B 179 16.77 -12.50 -29.77
C LEU B 179 18.08 -12.83 -30.48
N GLN B 180 17.99 -13.19 -31.75
CA GLN B 180 19.24 -13.48 -32.46
C GLN B 180 19.74 -12.24 -33.19
N SER B 181 21.04 -12.24 -33.48
CA SER B 181 21.80 -11.09 -33.96
C SER B 181 21.08 -10.27 -35.02
N SER B 182 20.18 -10.90 -35.75
CA SER B 182 19.38 -10.19 -36.75
C SER B 182 18.45 -9.15 -36.11
N GLY B 183 18.32 -9.13 -34.79
CA GLY B 183 17.43 -8.19 -34.14
C GLY B 183 16.00 -8.63 -34.00
N LEU B 184 15.72 -9.91 -34.24
CA LEU B 184 14.37 -10.44 -34.13
C LEU B 184 14.34 -11.62 -33.16
N TYR B 185 13.12 -11.93 -32.72
CA TYR B 185 12.89 -13.02 -31.81
C TYR B 185 12.55 -14.32 -32.55
N SER B 186 12.79 -15.43 -31.85
CA SER B 186 12.37 -16.74 -32.33
C SER B 186 12.06 -17.62 -31.12
N LEU B 187 11.00 -18.42 -31.23
CA LEU B 187 10.68 -19.40 -30.21
C LEU B 187 9.93 -20.56 -30.86
N SER B 188 9.58 -21.55 -30.04
CA SER B 188 8.91 -22.75 -30.49
C SER B 188 8.00 -23.27 -29.40
N SER B 189 6.91 -23.91 -29.80
CA SER B 189 5.93 -24.47 -28.88
C SER B 189 5.84 -25.97 -29.18
N VAL B 190 6.23 -26.80 -28.21
CA VAL B 190 6.24 -28.24 -28.45
C VAL B 190 5.21 -28.91 -27.54
N VAL B 191 4.87 -30.14 -27.89
CA VAL B 191 3.88 -30.90 -27.13
C VAL B 191 4.16 -32.38 -27.28
N THR B 192 4.07 -33.10 -26.17
CA THR B 192 4.19 -34.55 -26.15
C THR B 192 2.79 -35.18 -26.21
N VAL B 193 2.69 -36.26 -27.00
CA VAL B 193 1.42 -36.91 -27.28
C VAL B 193 1.64 -38.42 -27.37
N PRO B 194 0.60 -39.24 -27.21
CA PRO B 194 0.76 -40.69 -27.38
C PRO B 194 1.16 -41.02 -28.81
N SER B 195 2.04 -42.03 -28.93
CA SER B 195 2.56 -42.40 -30.23
C SER B 195 1.47 -42.89 -31.17
N SER B 196 0.38 -43.42 -30.62
CA SER B 196 -0.66 -44.00 -31.46
C SER B 196 -1.51 -42.94 -32.13
N SER B 197 -1.63 -41.76 -31.52
CA SER B 197 -2.56 -40.74 -32.01
C SER B 197 -2.04 -39.99 -33.23
N LEU B 198 -0.82 -40.25 -33.68
CA LEU B 198 -0.25 -39.49 -34.79
C LEU B 198 -0.87 -39.95 -36.10
N GLY B 199 -1.59 -39.05 -36.76
CA GLY B 199 -2.43 -39.38 -37.89
C GLY B 199 -3.88 -39.65 -37.52
N THR B 200 -4.14 -39.91 -36.24
CA THR B 200 -5.48 -40.17 -35.73
C THR B 200 -6.17 -38.89 -35.27
N GLN B 201 -5.46 -38.09 -34.48
CA GLN B 201 -5.93 -36.80 -34.00
C GLN B 201 -5.21 -35.69 -34.74
N THR B 202 -5.96 -34.73 -35.26
CA THR B 202 -5.35 -33.58 -35.88
C THR B 202 -4.77 -32.65 -34.81
N TYR B 203 -3.59 -32.12 -35.09
CA TYR B 203 -2.90 -31.21 -34.19
C TYR B 203 -2.56 -29.94 -34.94
N ILE B 204 -3.11 -28.83 -34.45
CA ILE B 204 -2.96 -27.51 -35.04
C ILE B 204 -2.53 -26.53 -33.95
N CYS B 205 -1.62 -25.61 -34.29
CA CYS B 205 -1.23 -24.56 -33.37
C CYS B 205 -1.84 -23.23 -33.85
N ASN B 206 -2.54 -22.57 -32.94
CA ASN B 206 -3.01 -21.20 -33.10
C ASN B 206 -1.90 -20.29 -32.60
N VAL B 207 -1.33 -19.48 -33.48
CA VAL B 207 -0.30 -18.52 -33.13
C VAL B 207 -0.90 -17.13 -33.30
N ASN B 208 -0.87 -16.33 -32.24
CA ASN B 208 -1.52 -15.03 -32.23
C ASN B 208 -0.50 -13.99 -31.77
N HIS B 209 -0.15 -13.08 -32.67
CA HIS B 209 0.73 -11.96 -32.36
C HIS B 209 -0.13 -10.71 -32.33
N LYS B 210 -0.29 -10.13 -31.14
CA LYS B 210 -1.24 -9.02 -30.97
C LYS B 210 -0.72 -7.72 -31.58
N PRO B 211 0.56 -7.30 -31.40
CA PRO B 211 1.03 -6.05 -32.03
C PRO B 211 0.65 -5.91 -33.50
N SER B 212 1.17 -6.76 -34.37
CA SER B 212 0.71 -6.80 -35.76
C SER B 212 -0.36 -7.87 -35.83
N ASN B 213 -1.63 -7.44 -35.94
CA ASN B 213 -2.79 -8.31 -35.82
C ASN B 213 -2.64 -9.60 -36.60
N THR B 214 -1.93 -10.58 -36.02
CA THR B 214 -1.61 -11.81 -36.71
C THR B 214 -2.24 -13.00 -36.00
N LYS B 215 -2.93 -13.85 -36.76
CA LYS B 215 -3.35 -15.16 -36.29
C LYS B 215 -3.10 -16.16 -37.41
N VAL B 216 -2.18 -17.09 -37.16
CA VAL B 216 -1.89 -18.16 -38.11
C VAL B 216 -2.22 -19.48 -37.44
N ASP B 217 -3.08 -20.25 -38.09
CA ASP B 217 -3.56 -21.53 -37.57
C ASP B 217 -2.94 -22.64 -38.43
N LYS B 218 -1.77 -23.11 -38.02
CA LYS B 218 -1.00 -24.03 -38.85
C LYS B 218 -1.10 -25.44 -38.30
N ARG B 219 -1.39 -26.40 -39.19
CA ARG B 219 -1.60 -27.80 -38.83
C ARG B 219 -0.34 -28.59 -39.07
N VAL B 220 0.07 -29.38 -38.08
CA VAL B 220 1.27 -30.21 -38.18
C VAL B 220 0.87 -31.64 -38.50
N GLU B 221 1.65 -32.29 -39.37
CA GLU B 221 1.36 -33.63 -39.84
C GLU B 221 2.66 -34.32 -40.20
N PRO B 222 2.85 -35.60 -39.81
CA PRO B 222 4.04 -36.36 -40.17
C PRO B 222 4.13 -36.64 -41.66
N GLU C 1 11.88 6.38 3.92
CA GLU C 1 11.81 6.40 5.37
C GLU C 1 11.46 5.04 5.99
N ILE C 2 10.54 4.30 5.37
CA ILE C 2 10.23 2.95 5.77
C ILE C 2 10.82 2.05 4.68
N VAL C 3 12.02 1.54 4.93
CA VAL C 3 12.68 0.65 3.99
C VAL C 3 12.26 -0.78 4.29
N MET C 4 11.75 -1.48 3.28
CA MET C 4 11.40 -2.87 3.41
C MET C 4 12.53 -3.72 2.86
N THR C 5 12.77 -4.87 3.49
CA THR C 5 13.83 -5.77 3.04
C THR C 5 13.30 -7.20 3.09
N GLN C 6 13.43 -7.90 1.95
CA GLN C 6 13.10 -9.31 1.87
C GLN C 6 14.11 -10.13 2.67
N SER C 7 13.84 -11.42 2.81
CA SER C 7 14.82 -12.22 3.53
C SER C 7 15.71 -12.90 2.49
N PRO C 8 15.59 -14.19 2.10
CA PRO C 8 16.50 -14.64 1.04
C PRO C 8 16.02 -14.14 -0.30
N ALA C 9 16.96 -13.92 -1.22
CA ALA C 9 16.60 -13.53 -2.57
C ALA C 9 16.14 -14.72 -3.38
N THR C 10 16.95 -15.77 -3.44
CA THR C 10 16.57 -16.99 -4.13
C THR C 10 16.48 -18.11 -3.10
N LEU C 11 15.95 -19.23 -3.55
CA LEU C 11 15.72 -20.36 -2.67
C LEU C 11 15.77 -21.63 -3.50
N SER C 12 16.26 -22.70 -2.89
CA SER C 12 16.24 -24.02 -3.50
C SER C 12 15.87 -25.03 -2.43
N VAL C 13 14.76 -25.73 -2.64
CA VAL C 13 14.24 -26.70 -1.68
C VAL C 13 13.66 -27.87 -2.45
N SER C 14 13.55 -28.99 -1.78
CA SER C 14 12.95 -30.21 -2.32
C SER C 14 11.46 -30.25 -1.99
N PRO C 15 10.65 -30.94 -2.79
CA PRO C 15 9.24 -31.09 -2.45
C PRO C 15 9.05 -31.67 -1.05
N GLY C 16 8.08 -31.12 -0.33
CA GLY C 16 7.77 -31.57 1.01
C GLY C 16 8.57 -30.91 2.12
N GLU C 17 9.53 -30.06 1.79
CA GLU C 17 10.37 -29.43 2.79
C GLU C 17 9.65 -28.21 3.40
N ARG C 18 10.35 -27.53 4.30
CA ARG C 18 9.87 -26.30 4.91
C ARG C 18 10.54 -25.10 4.26
N ALA C 19 9.78 -24.04 4.01
CA ALA C 19 10.36 -22.83 3.48
C ALA C 19 9.95 -21.63 4.32
N THR C 20 10.88 -20.73 4.57
CA THR C 20 10.64 -19.57 5.42
C THR C 20 11.17 -18.30 4.79
N LEU C 21 10.30 -17.30 4.68
CA LEU C 21 10.67 -15.97 4.23
C LEU C 21 10.50 -14.99 5.39
N SER C 22 11.28 -13.92 5.38
CA SER C 22 11.15 -12.85 6.35
C SER C 22 11.04 -11.52 5.62
N CYS C 23 10.19 -10.65 6.14
CA CYS C 23 10.04 -9.29 5.67
C CYS C 23 10.41 -8.39 6.84
N ARG C 24 11.53 -7.69 6.72
CA ARG C 24 12.03 -6.81 7.76
C ARG C 24 11.69 -5.38 7.40
N ALA C 25 11.03 -4.68 8.32
CA ALA C 25 10.63 -3.30 8.11
C ALA C 25 11.52 -2.40 8.96
N SER C 26 12.18 -1.45 8.32
CA SER C 26 13.04 -0.52 9.04
C SER C 26 12.27 0.40 9.98
N GLN C 27 10.94 0.32 9.98
CA GLN C 27 10.12 1.13 10.87
C GLN C 27 8.78 0.43 11.04
N SER C 28 8.11 0.72 12.15
CA SER C 28 6.82 0.14 12.45
C SER C 28 5.76 0.52 11.42
N ILE C 29 5.50 -0.35 10.44
CA ILE C 29 4.32 -0.17 9.60
C ILE C 29 3.06 -0.60 10.31
N SER C 30 3.16 -1.04 11.56
CA SER C 30 2.02 -1.33 12.43
C SER C 30 1.11 -2.43 11.90
N SER C 31 1.62 -3.65 11.78
CA SER C 31 0.82 -4.87 11.67
C SER C 31 -0.23 -4.80 10.56
N ASN C 32 0.18 -4.29 9.40
CA ASN C 32 -0.66 -4.37 8.21
C ASN C 32 -0.06 -5.41 7.28
N LEU C 33 0.56 -5.00 6.17
CA LEU C 33 1.37 -5.90 5.34
C LEU C 33 0.52 -6.97 4.64
N ALA C 34 1.07 -7.56 3.58
CA ALA C 34 0.38 -8.59 2.81
C ALA C 34 1.40 -9.35 1.97
N TRP C 35 1.25 -10.65 1.86
CA TRP C 35 2.16 -11.52 1.12
C TRP C 35 1.51 -12.01 -0.16
N TYR C 36 2.24 -11.91 -1.27
CA TYR C 36 1.81 -12.18 -2.64
C TYR C 36 2.69 -13.25 -3.29
N GLN C 37 2.16 -13.87 -4.35
CA GLN C 37 2.82 -14.94 -5.09
C GLN C 37 2.67 -14.73 -6.59
N GLN C 38 3.78 -14.80 -7.32
CA GLN C 38 3.79 -14.67 -8.77
C GLN C 38 4.51 -15.86 -9.37
N LYS C 39 3.78 -16.69 -10.10
CA LYS C 39 4.39 -17.74 -10.88
C LYS C 39 5.00 -17.15 -12.15
N PRO C 40 6.11 -17.70 -12.66
CA PRO C 40 6.64 -17.26 -13.95
C PRO C 40 5.59 -17.34 -15.06
N GLY C 41 5.14 -16.18 -15.53
CA GLY C 41 4.23 -16.11 -16.66
C GLY C 41 2.85 -15.57 -16.33
N GLN C 42 2.50 -15.39 -15.06
CA GLN C 42 1.12 -15.11 -14.69
C GLN C 42 1.06 -13.90 -13.77
N ALA C 43 -0.17 -13.55 -13.36
CA ALA C 43 -0.40 -12.32 -12.61
C ALA C 43 -0.35 -12.60 -11.12
N PRO C 44 0.47 -11.87 -10.35
CA PRO C 44 0.65 -12.17 -8.92
C PRO C 44 -0.63 -12.38 -8.12
N ARG C 45 -0.59 -13.35 -7.21
CA ARG C 45 -1.72 -13.75 -6.40
C ARG C 45 -1.44 -13.37 -4.95
N LEU C 46 -2.39 -12.70 -4.29
CA LEU C 46 -2.22 -12.44 -2.87
C LEU C 46 -2.50 -13.68 -2.06
N LEU C 47 -1.62 -13.97 -1.11
CA LEU C 47 -1.75 -15.10 -0.21
C LEU C 47 -2.24 -14.68 1.16
N ILE C 48 -1.66 -13.65 1.76
CA ILE C 48 -1.97 -13.26 3.13
C ILE C 48 -2.19 -11.76 3.18
N TYR C 49 -3.13 -11.32 4.01
CA TYR C 49 -3.34 -9.92 4.30
C TYR C 49 -3.44 -9.74 5.80
N GLY C 50 -3.38 -8.48 6.24
CA GLY C 50 -3.37 -8.18 7.66
C GLY C 50 -2.23 -8.85 8.40
N ALA C 51 -1.10 -9.04 7.72
CA ALA C 51 0.11 -9.66 8.26
C ALA C 51 -0.04 -11.15 8.51
N SER C 52 -1.24 -11.61 8.83
CA SER C 52 -1.35 -12.96 9.37
C SER C 52 -2.41 -13.83 8.70
N THR C 53 -3.52 -13.25 8.27
CA THR C 53 -4.68 -14.04 7.90
C THR C 53 -4.57 -14.61 6.49
N ARG C 54 -4.99 -15.87 6.34
CA ARG C 54 -4.99 -16.50 5.02
C ARG C 54 -6.21 -16.02 4.24
N ALA C 55 -6.01 -15.68 2.98
CA ALA C 55 -7.12 -15.28 2.12
C ALA C 55 -7.82 -16.53 1.62
N THR C 56 -9.07 -16.73 2.03
CA THR C 56 -9.83 -17.92 1.66
C THR C 56 -9.81 -18.11 0.16
N GLY C 57 -9.09 -19.13 -0.29
CA GLY C 57 -8.79 -19.31 -1.69
C GLY C 57 -7.32 -19.65 -1.87
N THR C 58 -6.68 -20.01 -0.76
CA THR C 58 -5.31 -20.47 -0.71
C THR C 58 -5.21 -21.55 0.36
N PRO C 59 -4.30 -22.52 0.20
CA PRO C 59 -4.25 -23.63 1.15
C PRO C 59 -3.59 -23.23 2.46
N ALA C 60 -3.90 -24.00 3.49
CA ALA C 60 -3.45 -23.74 4.86
C ALA C 60 -1.98 -24.05 5.06
N ARG C 61 -1.28 -24.54 4.03
CA ARG C 61 0.16 -24.72 4.14
C ARG C 61 0.87 -23.39 4.40
N PHE C 62 0.32 -22.31 3.87
CA PHE C 62 0.88 -20.98 4.04
C PHE C 62 0.44 -20.39 5.37
N SER C 63 1.26 -19.47 5.90
CA SER C 63 0.92 -18.71 7.09
C SER C 63 1.93 -17.58 7.25
N GLY C 64 1.64 -16.67 8.18
CA GLY C 64 2.54 -15.54 8.35
C GLY C 64 2.48 -14.82 9.68
N SER C 65 3.52 -14.95 10.49
CA SER C 65 3.61 -14.26 11.76
C SER C 65 4.34 -12.94 11.60
N GLY C 66 4.38 -12.18 12.69
CA GLY C 66 5.10 -10.92 12.68
C GLY C 66 4.64 -9.91 13.72
N SER C 67 3.58 -9.18 13.39
CA SER C 67 2.99 -8.17 14.27
C SER C 67 4.03 -7.11 14.67
N GLY C 68 4.21 -6.08 13.85
CA GLY C 68 5.10 -4.99 14.20
C GLY C 68 6.19 -4.74 13.19
N THR C 69 7.42 -5.12 13.54
CA THR C 69 8.59 -4.85 12.69
C THR C 69 9.01 -6.07 11.89
N GLU C 70 9.32 -7.17 12.55
CA GLU C 70 9.77 -8.39 11.88
C GLU C 70 8.56 -9.23 11.46
N PHE C 71 8.57 -9.71 10.22
CA PHE C 71 7.48 -10.56 9.73
C PHE C 71 8.07 -11.81 9.10
N THR C 72 7.29 -12.89 9.09
CA THR C 72 7.72 -14.15 8.51
C THR C 72 6.57 -14.82 7.77
N LEU C 73 6.93 -15.60 6.76
CA LEU C 73 6.01 -16.44 5.98
C LEU C 73 6.53 -17.86 5.98
N THR C 74 5.67 -18.81 6.30
CA THR C 74 6.04 -20.22 6.43
C THR C 74 5.24 -21.07 5.45
N ILE C 75 5.94 -21.87 4.66
CA ILE C 75 5.31 -22.91 3.85
C ILE C 75 5.69 -24.25 4.46
N SER C 76 4.67 -24.94 4.97
CA SER C 76 4.80 -26.30 5.47
C SER C 76 4.45 -27.27 4.36
N SER C 77 5.32 -28.27 4.15
CA SER C 77 5.10 -29.34 3.16
C SER C 77 4.91 -28.75 1.77
N LEU C 78 5.89 -27.95 1.34
CA LEU C 78 5.78 -27.26 0.06
C LEU C 78 5.68 -28.26 -1.08
N GLN C 79 4.86 -27.94 -2.06
CA GLN C 79 4.54 -28.83 -3.15
C GLN C 79 4.95 -28.18 -4.47
N SER C 80 4.70 -28.87 -5.58
CA SER C 80 5.19 -28.40 -6.86
C SER C 80 4.56 -27.09 -7.31
N GLU C 81 3.37 -26.76 -6.79
CA GLU C 81 2.71 -25.52 -7.18
C GLU C 81 3.51 -24.29 -6.74
N ASP C 82 4.29 -24.43 -5.68
CA ASP C 82 4.82 -23.29 -4.94
C ASP C 82 6.02 -22.63 -5.62
N PHE C 83 6.58 -23.23 -6.66
CA PHE C 83 7.89 -22.81 -7.16
C PHE C 83 7.71 -21.58 -8.04
N ALA C 84 7.89 -20.42 -7.42
CA ALA C 84 7.58 -19.12 -8.00
C ALA C 84 8.25 -18.07 -7.12
N SER C 85 7.87 -16.81 -7.29
CA SER C 85 8.42 -15.72 -6.50
C SER C 85 7.38 -15.18 -5.53
N TYR C 86 7.82 -14.79 -4.34
CA TYR C 86 6.93 -14.26 -3.31
C TYR C 86 7.37 -12.85 -2.93
N TYR C 87 6.40 -12.06 -2.43
CA TYR C 87 6.65 -10.67 -2.09
C TYR C 87 5.86 -10.27 -0.84
N CYS C 88 6.33 -9.25 -0.14
CA CYS C 88 5.63 -8.65 0.99
C CYS C 88 5.24 -7.21 0.66
N GLN C 89 4.26 -6.70 1.41
CA GLN C 89 3.46 -5.55 0.97
C GLN C 89 3.09 -4.67 2.16
N GLN C 90 3.61 -3.44 2.17
CA GLN C 90 3.07 -2.42 3.06
C GLN C 90 1.81 -1.81 2.43
N TYR C 91 0.85 -1.43 3.27
CA TYR C 91 -0.28 -0.68 2.73
C TYR C 91 -1.11 0.09 3.75
N ASN C 92 -0.61 0.25 4.99
CA ASN C 92 -1.32 1.16 5.88
C ASN C 92 -0.98 2.60 5.59
N ASN C 93 0.29 2.91 5.37
CA ASN C 93 0.64 4.15 4.71
C ASN C 93 0.05 4.07 3.32
N TRP C 94 -1.28 4.23 3.31
CA TRP C 94 -2.18 4.20 2.13
C TRP C 94 -1.38 4.13 0.82
N PRO C 95 -0.71 5.22 0.39
CA PRO C 95 0.01 5.23 -0.89
C PRO C 95 1.36 4.49 -0.87
N ALA C 96 2.11 4.63 0.23
CA ALA C 96 3.42 3.99 0.33
C ALA C 96 3.23 2.48 0.36
N ILE C 97 2.60 1.95 -0.69
CA ILE C 97 2.38 0.52 -0.86
C ILE C 97 3.63 0.01 -1.56
N THR C 98 4.65 -0.33 -0.79
CA THR C 98 5.95 -0.67 -1.34
C THR C 98 6.24 -2.15 -1.14
N PHE C 99 6.99 -2.70 -2.08
CA PHE C 99 7.35 -4.11 -2.12
C PHE C 99 8.73 -4.31 -1.53
N GLY C 100 9.13 -5.58 -1.48
CA GLY C 100 10.51 -5.95 -1.35
C GLY C 100 11.03 -6.41 -2.70
N GLN C 101 12.36 -6.53 -2.79
CA GLN C 101 12.98 -7.04 -4.01
C GLN C 101 12.53 -8.45 -4.35
N GLY C 102 11.88 -9.15 -3.43
CA GLY C 102 11.30 -10.45 -3.75
C GLY C 102 12.12 -11.62 -3.24
N THR C 103 11.57 -12.80 -3.48
CA THR C 103 12.23 -14.04 -3.09
C THR C 103 11.82 -15.13 -4.09
N ARG C 104 12.70 -15.42 -5.04
CA ARG C 104 12.47 -16.53 -5.94
C ARG C 104 12.70 -17.84 -5.19
N LEU C 105 11.97 -18.88 -5.59
CA LEU C 105 12.11 -20.19 -4.97
C LEU C 105 12.23 -21.23 -6.07
N GLU C 106 12.98 -22.30 -5.79
CA GLU C 106 13.37 -23.26 -6.82
C GLU C 106 13.40 -24.67 -6.23
N ILE C 107 13.47 -25.68 -7.14
CA ILE C 107 13.37 -27.09 -6.76
C ILE C 107 14.74 -27.70 -6.56
N LYS C 108 14.84 -28.53 -5.52
CA LYS C 108 15.84 -29.61 -5.46
C LYS C 108 15.10 -30.92 -5.69
N ARG C 109 15.15 -31.41 -6.91
CA ARG C 109 14.39 -32.58 -7.35
C ARG C 109 15.35 -33.76 -7.57
N THR C 110 14.78 -34.90 -7.96
CA THR C 110 15.55 -36.04 -8.44
C THR C 110 16.25 -35.70 -9.74
N VAL C 111 17.47 -36.19 -9.89
CA VAL C 111 18.18 -36.06 -11.15
C VAL C 111 17.51 -36.98 -12.17
N ALA C 112 17.28 -36.46 -13.37
CA ALA C 112 16.45 -37.14 -14.36
C ALA C 112 17.04 -36.97 -15.75
N ALA C 113 16.91 -38.03 -16.55
CA ALA C 113 17.47 -38.04 -17.90
C ALA C 113 16.62 -37.17 -18.83
N PRO C 114 17.23 -36.53 -19.83
CA PRO C 114 16.49 -35.62 -20.71
C PRO C 114 15.83 -36.36 -21.86
N SER C 115 14.50 -36.40 -21.87
CA SER C 115 13.74 -36.92 -23.00
C SER C 115 14.08 -36.11 -24.24
N VAL C 116 14.91 -36.65 -25.12
CA VAL C 116 15.54 -35.86 -26.17
C VAL C 116 14.96 -36.26 -27.52
N PHE C 117 14.76 -35.25 -28.37
CA PHE C 117 14.26 -35.45 -29.74
C PHE C 117 14.81 -34.35 -30.63
N ILE C 118 14.67 -34.54 -31.96
CA ILE C 118 15.25 -33.62 -32.93
C ILE C 118 14.34 -33.49 -34.14
N PHE C 119 14.14 -32.25 -34.61
CA PHE C 119 13.33 -31.90 -35.77
C PHE C 119 14.18 -31.27 -36.87
N PRO C 120 14.08 -31.77 -38.09
CA PRO C 120 14.84 -31.21 -39.21
C PRO C 120 14.07 -30.08 -39.86
N PRO C 121 14.71 -29.28 -40.71
CA PRO C 121 14.08 -28.04 -41.21
C PRO C 121 12.80 -28.28 -41.98
N SER C 122 12.07 -27.19 -42.20
CA SER C 122 10.72 -27.23 -42.73
C SER C 122 10.73 -27.14 -44.24
N ASP C 123 9.69 -27.72 -44.84
CA ASP C 123 9.49 -27.56 -46.28
C ASP C 123 9.01 -26.15 -46.63
N GLU C 124 8.18 -25.53 -45.78
CA GLU C 124 7.79 -24.14 -46.06
C GLU C 124 8.91 -23.17 -45.73
N GLN C 125 9.83 -23.54 -44.84
CA GLN C 125 10.93 -22.67 -44.47
C GLN C 125 12.11 -22.79 -45.42
N LEU C 126 12.27 -23.94 -46.08
CA LEU C 126 13.44 -24.16 -46.92
C LEU C 126 13.42 -23.29 -48.17
N LYS C 127 12.26 -23.14 -48.79
CA LYS C 127 12.16 -22.31 -49.99
C LYS C 127 12.03 -20.82 -49.68
N SER C 128 11.85 -20.47 -48.40
CA SER C 128 12.20 -19.13 -47.94
C SER C 128 13.71 -19.10 -47.76
N GLY C 129 14.21 -18.11 -47.03
CA GLY C 129 15.64 -17.91 -46.91
C GLY C 129 16.43 -19.06 -46.30
N THR C 130 16.14 -19.37 -45.05
CA THR C 130 17.03 -20.18 -44.22
C THR C 130 16.39 -21.49 -43.83
N ALA C 131 17.20 -22.32 -43.16
CA ALA C 131 16.76 -23.54 -42.49
C ALA C 131 17.22 -23.48 -41.04
N SER C 132 16.57 -24.25 -40.17
CA SER C 132 16.97 -24.30 -38.78
C SER C 132 16.56 -25.64 -38.18
N VAL C 133 17.56 -26.46 -37.87
CA VAL C 133 17.32 -27.70 -37.16
C VAL C 133 17.09 -27.37 -35.68
N VAL C 134 16.29 -28.17 -35.00
CA VAL C 134 16.06 -27.90 -33.57
C VAL C 134 16.14 -29.19 -32.76
N CYS C 135 16.86 -29.12 -31.64
CA CYS C 135 17.06 -30.24 -30.73
C CYS C 135 16.42 -29.90 -29.39
N LEU C 136 15.51 -30.74 -28.91
CA LEU C 136 14.79 -30.49 -27.67
C LEU C 136 15.18 -31.49 -26.61
N LEU C 137 15.50 -30.97 -25.41
CA LEU C 137 15.70 -31.75 -24.20
C LEU C 137 14.47 -31.51 -23.34
N ASN C 138 13.81 -32.57 -22.91
CA ASN C 138 12.49 -32.45 -22.32
C ASN C 138 12.50 -33.05 -20.92
N ASN C 139 11.93 -32.31 -19.97
CA ASN C 139 11.71 -32.72 -18.59
C ASN C 139 12.94 -33.40 -17.99
N PHE C 140 13.94 -32.57 -17.74
CA PHE C 140 15.20 -33.01 -17.17
C PHE C 140 15.55 -32.15 -15.97
N TYR C 141 16.43 -32.69 -15.12
CA TYR C 141 16.85 -32.01 -13.91
C TYR C 141 18.12 -32.70 -13.44
N PRO C 142 19.22 -31.97 -13.18
CA PRO C 142 19.14 -30.55 -12.82
C PRO C 142 18.97 -29.70 -14.08
N ARG C 143 19.08 -28.38 -13.92
CA ARG C 143 18.94 -27.43 -15.03
C ARG C 143 20.23 -27.39 -15.83
N GLU C 144 21.37 -27.31 -15.15
CA GLU C 144 22.70 -27.32 -15.76
C GLU C 144 22.88 -28.50 -16.71
N ALA C 145 23.03 -28.21 -18.00
CA ALA C 145 23.20 -29.21 -19.04
C ALA C 145 23.86 -28.52 -20.23
N LYS C 146 24.18 -29.31 -21.26
CA LYS C 146 24.79 -28.67 -22.42
C LYS C 146 24.51 -29.49 -23.68
N VAL C 147 24.45 -28.78 -24.80
CA VAL C 147 24.24 -29.38 -26.13
C VAL C 147 25.23 -28.75 -27.10
N GLN C 148 25.76 -29.56 -28.01
CA GLN C 148 26.60 -29.03 -29.08
C GLN C 148 26.24 -29.74 -30.39
N TRP C 149 26.40 -29.02 -31.49
CA TRP C 149 25.91 -29.46 -32.79
C TRP C 149 27.02 -30.10 -33.61
N LYS C 150 26.67 -31.16 -34.33
CA LYS C 150 27.55 -31.86 -35.25
C LYS C 150 26.89 -31.91 -36.62
N VAL C 151 27.66 -31.64 -37.65
CA VAL C 151 27.18 -31.81 -39.02
C VAL C 151 28.30 -32.45 -39.85
N ASP C 152 28.10 -33.69 -40.27
CA ASP C 152 29.16 -34.49 -40.88
C ASP C 152 30.45 -34.42 -40.06
N ASN C 153 30.29 -34.50 -38.75
CA ASN C 153 31.34 -34.49 -37.74
C ASN C 153 31.94 -33.10 -37.57
N ALA C 154 31.38 -32.07 -38.21
CA ALA C 154 31.85 -30.70 -38.00
C ALA C 154 31.14 -30.12 -36.79
N LEU C 155 31.90 -29.84 -35.72
CA LEU C 155 31.33 -29.19 -34.55
C LEU C 155 31.02 -27.74 -34.88
N GLN C 156 29.81 -27.32 -34.56
CA GLN C 156 29.33 -25.99 -34.91
C GLN C 156 29.44 -25.06 -33.70
N SER C 157 29.37 -23.77 -33.97
CA SER C 157 29.52 -22.79 -32.91
C SER C 157 29.14 -21.42 -33.43
N GLY C 158 28.45 -20.64 -32.60
CA GLY C 158 28.16 -19.26 -32.94
C GLY C 158 26.94 -19.07 -33.80
N ASN C 159 26.11 -20.10 -33.95
CA ASN C 159 24.88 -19.96 -34.71
C ASN C 159 23.75 -20.79 -34.09
N SER C 160 23.90 -21.21 -32.84
CA SER C 160 22.88 -21.93 -32.11
C SER C 160 22.34 -21.03 -31.01
N GLN C 161 21.03 -20.97 -30.87
CA GLN C 161 20.37 -20.24 -29.79
C GLN C 161 19.56 -21.20 -28.94
N GLU C 162 19.79 -21.16 -27.64
CA GLU C 162 19.16 -22.08 -26.70
C GLU C 162 18.26 -21.33 -25.74
N SER C 163 17.21 -22.02 -25.28
CA SER C 163 16.25 -21.43 -24.36
C SER C 163 15.73 -22.51 -23.42
N VAL C 164 15.79 -22.24 -22.12
CA VAL C 164 15.39 -23.21 -21.11
C VAL C 164 14.05 -22.78 -20.52
N THR C 165 13.26 -23.77 -20.10
CA THR C 165 11.91 -23.57 -19.63
C THR C 165 11.89 -23.31 -18.12
N GLU C 166 10.84 -22.61 -17.68
CA GLU C 166 10.56 -22.47 -16.26
C GLU C 166 10.56 -23.83 -15.59
N GLN C 167 10.99 -23.84 -14.32
CA GLN C 167 10.75 -25.00 -13.48
C GLN C 167 9.28 -25.36 -13.55
N ASP C 168 8.96 -26.42 -14.29
CA ASP C 168 7.57 -26.73 -14.61
C ASP C 168 6.75 -26.85 -13.34
N SER C 169 5.53 -26.34 -13.39
CA SER C 169 4.69 -26.33 -12.19
C SER C 169 4.20 -27.73 -11.84
N LYS C 170 4.15 -28.64 -12.81
CA LYS C 170 3.66 -29.98 -12.55
C LYS C 170 4.76 -30.88 -11.98
N ASP C 171 5.79 -31.16 -12.78
CA ASP C 171 6.83 -32.09 -12.37
C ASP C 171 8.13 -31.42 -11.96
N SER C 172 8.19 -30.10 -11.93
CA SER C 172 9.36 -29.37 -11.42
C SER C 172 10.63 -29.70 -12.22
N THR C 173 10.45 -30.04 -13.50
CA THR C 173 11.57 -30.30 -14.40
C THR C 173 11.83 -29.08 -15.26
N TYR C 174 12.86 -29.18 -16.09
CA TYR C 174 13.19 -28.16 -17.08
C TYR C 174 13.05 -28.73 -18.48
N SER C 175 12.73 -27.86 -19.42
CA SER C 175 12.85 -28.17 -20.84
C SER C 175 13.79 -27.16 -21.48
N LEU C 176 14.36 -27.55 -22.61
CA LEU C 176 15.36 -26.74 -23.29
C LEU C 176 15.27 -26.98 -24.78
N SER C 177 15.47 -25.93 -25.56
CA SER C 177 15.47 -26.01 -27.01
C SER C 177 16.72 -25.35 -27.55
N SER C 178 17.44 -26.07 -28.42
CA SER C 178 18.60 -25.54 -29.11
C SER C 178 18.26 -25.44 -30.60
N THR C 179 18.29 -24.24 -31.15
CA THR C 179 17.94 -23.99 -32.53
C THR C 179 19.21 -23.66 -33.30
N LEU C 180 19.55 -24.52 -34.26
CA LEU C 180 20.70 -24.34 -35.15
C LEU C 180 20.23 -23.70 -36.45
N THR C 181 20.76 -22.53 -36.75
CA THR C 181 20.32 -21.71 -37.88
C THR C 181 21.36 -21.77 -39.00
N LEU C 182 20.94 -22.27 -40.16
CA LEU C 182 21.81 -22.40 -41.32
C LEU C 182 21.09 -21.81 -42.53
N SER C 183 21.83 -21.62 -43.61
CA SER C 183 21.23 -21.24 -44.87
C SER C 183 21.03 -22.48 -45.73
N LYS C 184 20.07 -22.40 -46.66
CA LYS C 184 19.85 -23.54 -47.54
C LYS C 184 21.09 -23.83 -48.38
N ALA C 185 21.86 -22.80 -48.72
CA ALA C 185 23.14 -23.02 -49.39
C ALA C 185 24.07 -23.83 -48.52
N ASP C 186 24.05 -23.59 -47.21
CA ASP C 186 24.88 -24.35 -46.27
C ASP C 186 24.20 -25.62 -45.79
N TYR C 187 22.86 -25.65 -45.76
CA TYR C 187 22.15 -26.83 -45.30
C TYR C 187 22.22 -27.95 -46.35
N GLU C 188 22.21 -27.60 -47.63
CA GLU C 188 22.22 -28.59 -48.68
C GLU C 188 23.63 -29.11 -48.98
N LYS C 189 24.67 -28.50 -48.39
CA LYS C 189 26.03 -28.94 -48.65
C LYS C 189 26.37 -30.21 -47.87
N HIS C 190 25.69 -30.48 -46.77
CA HIS C 190 25.98 -31.62 -45.92
C HIS C 190 24.75 -32.50 -45.77
N LYS C 191 24.93 -33.67 -45.19
CA LYS C 191 23.87 -34.67 -45.10
C LYS C 191 23.57 -35.11 -43.68
N VAL C 192 24.59 -35.39 -42.86
CA VAL C 192 24.40 -35.92 -41.52
C VAL C 192 24.33 -34.75 -40.55
N TYR C 193 23.25 -34.69 -39.78
CA TYR C 193 23.06 -33.64 -38.79
C TYR C 193 22.72 -34.28 -37.45
N ALA C 194 23.53 -34.03 -36.43
CA ALA C 194 23.30 -34.58 -35.11
C ALA C 194 23.40 -33.49 -34.06
N CYS C 195 22.65 -33.67 -32.98
CA CYS C 195 22.83 -32.88 -31.76
C CYS C 195 23.32 -33.81 -30.66
N GLU C 196 24.32 -33.33 -29.91
CA GLU C 196 24.96 -34.10 -28.84
C GLU C 196 24.58 -33.46 -27.51
N VAL C 197 24.02 -34.27 -26.63
CA VAL C 197 23.54 -33.87 -25.31
C VAL C 197 24.48 -34.42 -24.26
N THR C 198 24.90 -33.57 -23.33
CA THR C 198 25.60 -33.97 -22.13
C THR C 198 24.83 -33.45 -20.92
N HIS C 199 24.52 -34.35 -20.00
CA HIS C 199 23.62 -34.09 -18.88
C HIS C 199 24.13 -34.84 -17.66
N GLN C 200 23.88 -34.27 -16.48
CA GLN C 200 24.38 -34.86 -15.26
C GLN C 200 23.74 -36.22 -14.98
N GLY C 201 22.53 -36.44 -15.48
CA GLY C 201 21.82 -37.68 -15.19
C GLY C 201 21.91 -38.71 -16.28
N LEU C 202 23.01 -38.72 -17.02
CA LEU C 202 23.22 -39.70 -18.08
C LEU C 202 24.58 -40.35 -17.91
N SER C 203 24.70 -41.58 -18.43
CA SER C 203 25.92 -42.36 -18.27
C SER C 203 26.99 -41.94 -19.29
N SER C 204 26.57 -41.60 -20.50
CA SER C 204 27.51 -41.16 -21.53
C SER C 204 26.84 -40.09 -22.36
N PRO C 205 27.63 -39.28 -23.07
CA PRO C 205 27.05 -38.34 -24.03
C PRO C 205 26.12 -39.04 -25.01
N VAL C 206 24.94 -38.48 -25.23
CA VAL C 206 23.98 -39.09 -26.15
C VAL C 206 23.90 -38.20 -27.38
N THR C 207 23.61 -38.79 -28.53
CA THR C 207 23.44 -38.01 -29.75
C THR C 207 22.20 -38.49 -30.49
N LYS C 208 21.58 -37.57 -31.24
CA LYS C 208 20.47 -37.93 -32.10
C LYS C 208 20.61 -37.17 -33.41
N SER C 209 20.39 -37.87 -34.53
CA SER C 209 20.84 -37.40 -35.83
C SER C 209 19.77 -37.62 -36.89
N PHE C 210 20.09 -37.19 -38.10
CA PHE C 210 19.30 -37.48 -39.29
C PHE C 210 20.14 -37.27 -40.53
N ASN C 211 19.96 -38.18 -41.50
CA ASN C 211 20.48 -37.99 -42.84
C ASN C 211 19.48 -37.16 -43.64
N ARG C 212 19.99 -36.30 -44.51
CA ARG C 212 19.12 -35.39 -45.25
C ARG C 212 18.16 -36.19 -46.12
N GLY C 213 16.89 -36.21 -45.74
CA GLY C 213 15.89 -37.01 -46.43
C GLY C 213 14.89 -37.66 -45.48
#